data_3OVB
#
_entry.id   3OVB
#
_cell.length_a   110.978
_cell.length_b   215.826
_cell.length_c   58.390
_cell.angle_alpha   90.00
_cell.angle_beta   90.00
_cell.angle_gamma   90.00
#
_symmetry.space_group_name_H-M   'P 21 21 2'
#
loop_
_entity.id
_entity.type
_entity.pdbx_description
1 polymer 'CCA-Adding Enzyme'
2 polymer 'RNA (35-MER)'
3 non-polymer "ADENOSINE-5'-TRIPHOSPHATE"
4 non-polymer 'SULFATE ION'
5 non-polymer 1,2-ETHANEDIOL
6 non-polymer 'MAGNESIUM ION'
7 non-polymer 'PYROPHOSPHATE 2-'
8 water water
#
loop_
_entity_poly.entity_id
_entity_poly.type
_entity_poly.pdbx_seq_one_letter_code
_entity_poly.pdbx_strand_id
1 'polypeptide(L)'
;MKVEEILEKALELVIPDEEEVRKGREAEEELRRRLDELGVEYVFVGSYARNTWLKGSLEIDVFLLFPEEFSKEELRERGL
EIGKAVLDSYEIRYAEHPYVHGVVKGVEVDVVPCYKLKEPKNIKSAVDRTPFHHKWLEGRIKGKENEVRLLKGFLKANGI
YGAEYKVRGFSGYLCELLIVFYGSFLETVKNARRWTRRTVIDVAKGEVRKGEEFFVVDPVDEKRNVAANLSLDNLARFVH
LCREFMEAPSLGFFKPKHPLEIEPERLRKIVEERGTAVFAVKFRKPDIVDDNLYPQLERASRKIFEFLERENFMPLRSAF
KASEEFCYLLFECQIKEISRVFRRMGPQFEDERNVKKFLSRNRAFRPFIENGRWWAFEMRKFTTPEEGVRSYASTHWHTL
GKNVGESIREYFEIISGEKLFKEPVTAELCEMMGVKDCCCQ
;
A,B
2 'polyribonucleotide' GGAAGUAGAUGGUUCAAGUCCAUUUACUUCCACCA C,D
#
loop_
_chem_comp.id
_chem_comp.type
_chem_comp.name
_chem_comp.formula
A RNA linking ADENOSINE-5'-MONOPHOSPHATE 'C10 H14 N5 O7 P'
ATP non-polymer ADENOSINE-5'-TRIPHOSPHATE 'C10 H16 N5 O13 P3'
C RNA linking CYTIDINE-5'-MONOPHOSPHATE 'C9 H14 N3 O8 P'
EDO non-polymer 1,2-ETHANEDIOL 'C2 H6 O2'
G RNA linking GUANOSINE-5'-MONOPHOSPHATE 'C10 H14 N5 O8 P'
MG non-polymer 'MAGNESIUM ION' 'Mg 2'
POP non-polymer 'PYROPHOSPHATE 2-' 'H2 O7 P2 -2'
SO4 non-polymer 'SULFATE ION' 'O4 S -2'
U RNA linking URIDINE-5'-MONOPHOSPHATE 'C9 H13 N2 O9 P'
#
# COMPACT_ATOMS: atom_id res chain seq x y z
N MET A 1 -48.44 6.77 13.65
CA MET A 1 -47.07 6.76 14.24
C MET A 1 -46.53 5.35 14.52
N LYS A 2 -47.43 4.41 14.85
CA LYS A 2 -47.02 3.01 14.96
C LYS A 2 -47.07 2.34 13.58
N VAL A 3 -46.25 1.30 13.39
CA VAL A 3 -46.12 0.62 12.09
C VAL A 3 -47.44 0.44 11.34
N GLU A 4 -48.45 -0.06 12.04
CA GLU A 4 -49.75 -0.36 11.43
C GLU A 4 -50.36 0.85 10.71
N GLU A 5 -50.25 2.03 11.33
CA GLU A 5 -50.75 3.27 10.73
C GLU A 5 -49.84 3.80 9.62
N ILE A 6 -48.53 3.57 9.76
CA ILE A 6 -47.57 3.82 8.68
C ILE A 6 -47.97 2.98 7.46
N LEU A 7 -48.17 1.68 7.67
CA LEU A 7 -48.48 0.76 6.57
C LEU A 7 -49.81 1.07 5.90
N GLU A 8 -50.79 1.54 6.67
CA GLU A 8 -52.05 2.05 6.14
C GLU A 8 -51.87 3.19 5.15
N LYS A 9 -51.03 4.17 5.52
CA LYS A 9 -50.75 5.32 4.67
C LYS A 9 -49.85 4.97 3.48
N ALA A 10 -48.94 4.02 3.68
CA ALA A 10 -48.06 3.54 2.60
C ALA A 10 -48.86 2.85 1.50
N LEU A 11 -49.95 2.18 1.88
CA LEU A 11 -50.88 1.55 0.95
C LEU A 11 -51.44 2.53 -0.08
N GLU A 12 -51.71 3.75 0.37
CA GLU A 12 -52.15 4.83 -0.50
C GLU A 12 -51.12 5.17 -1.58
N LEU A 13 -49.84 4.88 -1.31
CA LEU A 13 -48.78 5.12 -2.28
C LEU A 13 -48.62 3.99 -3.29
N VAL A 14 -49.01 2.77 -2.91
CA VAL A 14 -48.69 1.57 -3.71
C VAL A 14 -49.86 0.87 -4.40
N ILE A 15 -51.08 1.13 -3.93
CA ILE A 15 -52.29 0.51 -4.51
C ILE A 15 -52.79 1.34 -5.69
N PRO A 16 -52.95 0.72 -6.88
CA PRO A 16 -53.46 1.48 -8.04
C PRO A 16 -54.86 2.03 -7.75
N ASP A 17 -55.14 3.27 -8.14
CA ASP A 17 -56.50 3.79 -8.02
C ASP A 17 -57.42 3.17 -9.07
N GLU A 18 -58.72 3.26 -8.84
CA GLU A 18 -59.69 2.61 -9.72
C GLU A 18 -59.57 2.96 -11.20
N GLU A 19 -59.27 4.23 -11.50
CA GLU A 19 -59.13 4.72 -12.87
C GLU A 19 -58.05 3.94 -13.62
N GLU A 20 -56.92 3.72 -12.96
CA GLU A 20 -55.83 2.95 -13.53
C GLU A 20 -56.21 1.46 -13.69
N VAL A 21 -56.87 0.90 -12.67
CA VAL A 21 -57.44 -0.44 -12.74
C VAL A 21 -58.38 -0.61 -13.95
N ARG A 22 -59.27 0.36 -14.15
CA ARG A 22 -60.23 0.36 -15.25
C ARG A 22 -59.51 0.37 -16.61
N LYS A 23 -58.55 1.29 -16.74
CA LYS A 23 -57.71 1.43 -17.92
C LYS A 23 -56.99 0.13 -18.24
N GLY A 24 -56.43 -0.52 -17.22
CA GLY A 24 -55.90 -1.89 -17.31
C GLY A 24 -56.89 -2.93 -17.82
N ARG A 25 -58.09 -2.99 -17.21
CA ARG A 25 -59.14 -3.95 -17.60
C ARG A 25 -59.55 -3.79 -19.06
N GLU A 26 -59.76 -2.55 -19.49
CA GLU A 26 -60.18 -2.28 -20.87
C GLU A 26 -59.10 -2.67 -21.90
N ALA A 27 -57.84 -2.46 -21.56
CA ALA A 27 -56.73 -2.84 -22.45
C ALA A 27 -56.61 -4.35 -22.52
N GLU A 28 -56.76 -5.02 -21.37
CA GLU A 28 -56.87 -6.47 -21.32
C GLU A 28 -58.01 -7.01 -22.21
N GLU A 29 -59.20 -6.42 -22.14
CA GLU A 29 -60.31 -6.84 -22.99
C GLU A 29 -59.98 -6.75 -24.47
N GLU A 30 -59.43 -5.61 -24.89
CA GLU A 30 -59.04 -5.39 -26.29
C GLU A 30 -57.95 -6.35 -26.76
N LEU A 31 -56.99 -6.62 -25.89
CA LEU A 31 -55.90 -7.56 -26.17
C LEU A 31 -56.42 -8.99 -26.39
N ARG A 32 -57.26 -9.46 -25.48
CA ARG A 32 -57.91 -10.77 -25.62
C ARG A 32 -58.66 -10.87 -26.94
N ARG A 33 -59.45 -9.85 -27.28
CA ARG A 33 -60.16 -9.81 -28.56
C ARG A 33 -59.25 -9.98 -29.77
N ARG A 34 -58.16 -9.20 -29.79
CA ARG A 34 -57.23 -9.19 -30.91
C ARG A 34 -56.51 -10.51 -31.01
N LEU A 35 -56.12 -11.05 -29.85
CA LEU A 35 -55.50 -12.37 -29.78
C LEU A 35 -56.48 -13.52 -30.09
N ASP A 36 -57.72 -13.46 -29.59
CA ASP A 36 -58.72 -14.48 -29.94
C ASP A 36 -58.96 -14.49 -31.46
N GLU A 37 -58.99 -13.29 -32.05
CA GLU A 37 -59.25 -13.15 -33.49
C GLU A 37 -58.16 -13.85 -34.31
N LEU A 38 -56.93 -13.84 -33.79
CA LEU A 38 -55.77 -14.53 -34.42
C LEU A 38 -55.71 -16.05 -34.23
N GLY A 39 -56.48 -16.61 -33.30
CA GLY A 39 -56.58 -18.08 -33.15
C GLY A 39 -55.30 -18.64 -32.53
N VAL A 40 -54.59 -17.74 -31.88
CA VAL A 40 -53.28 -17.99 -31.33
C VAL A 40 -53.34 -18.41 -29.84
N GLU A 41 -52.32 -19.15 -29.37
CA GLU A 41 -52.30 -19.65 -27.97
C GLU A 41 -51.49 -18.71 -27.05
N TYR A 42 -52.15 -18.18 -26.03
CA TYR A 42 -51.54 -17.17 -25.19
C TYR A 42 -52.03 -17.28 -23.75
N VAL A 43 -51.29 -16.66 -22.83
CA VAL A 43 -51.62 -16.61 -21.43
C VAL A 43 -51.19 -15.25 -20.87
N PHE A 44 -52.06 -14.62 -20.09
CA PHE A 44 -51.69 -13.42 -19.32
C PHE A 44 -50.93 -13.84 -18.07
N VAL A 45 -49.76 -13.27 -17.89
CA VAL A 45 -48.91 -13.58 -16.75
C VAL A 45 -48.41 -12.29 -16.06
N GLY A 46 -47.41 -12.44 -15.20
CA GLY A 46 -46.82 -11.33 -14.50
C GLY A 46 -47.74 -10.63 -13.52
N SER A 47 -47.33 -9.43 -13.10
CA SER A 47 -48.02 -8.73 -12.00
C SER A 47 -49.42 -8.24 -12.36
N TYR A 48 -49.65 -7.94 -13.64
CA TYR A 48 -51.00 -7.60 -14.04
C TYR A 48 -51.94 -8.79 -13.82
N ALA A 49 -51.54 -9.98 -14.26
CA ALA A 49 -52.39 -11.15 -14.11
C ALA A 49 -52.69 -11.51 -12.66
N ARG A 50 -51.81 -11.10 -11.74
CA ARG A 50 -51.91 -11.46 -10.33
C ARG A 50 -52.33 -10.30 -9.40
N ASN A 51 -52.65 -9.15 -9.99
CA ASN A 51 -52.98 -7.90 -9.26
C ASN A 51 -51.96 -7.53 -8.19
N THR A 52 -50.67 -7.59 -8.54
CA THR A 52 -49.61 -7.25 -7.61
C THR A 52 -48.75 -6.11 -8.15
N TRP A 53 -49.26 -5.40 -9.15
CA TRP A 53 -48.50 -4.29 -9.74
C TRP A 53 -48.67 -2.99 -8.95
N LEU A 54 -47.66 -2.13 -9.06
CA LEU A 54 -47.59 -0.88 -8.33
C LEU A 54 -48.41 0.21 -9.01
N LYS A 55 -49.05 1.04 -8.18
CA LYS A 55 -49.71 2.26 -8.64
C LYS A 55 -48.74 3.04 -9.53
N GLY A 56 -49.23 3.46 -10.70
CA GLY A 56 -48.45 4.24 -11.64
C GLY A 56 -47.57 3.45 -12.58
N SER A 57 -47.48 2.13 -12.36
CA SER A 57 -46.63 1.25 -13.17
C SER A 57 -47.37 0.09 -13.86
N LEU A 58 -48.58 0.35 -14.35
CA LEU A 58 -49.34 -0.67 -15.05
C LEU A 58 -48.62 -1.13 -16.33
N GLU A 59 -48.42 -2.44 -16.45
CA GLU A 59 -47.87 -3.07 -17.66
C GLU A 59 -48.36 -4.51 -17.74
N ILE A 60 -48.96 -4.84 -18.87
CA ILE A 60 -49.50 -6.17 -19.09
C ILE A 60 -48.51 -7.09 -19.82
N ASP A 61 -48.33 -8.30 -19.28
CA ASP A 61 -47.54 -9.35 -19.91
C ASP A 61 -48.44 -10.38 -20.58
N VAL A 62 -48.27 -10.54 -21.89
CA VAL A 62 -48.90 -11.64 -22.64
C VAL A 62 -47.84 -12.58 -23.20
N PHE A 63 -47.98 -13.85 -22.87
CA PHE A 63 -47.06 -14.87 -23.35
C PHE A 63 -47.70 -15.68 -24.45
N LEU A 64 -46.93 -15.94 -25.50
CA LEU A 64 -47.39 -16.75 -26.63
C LEU A 64 -46.74 -18.12 -26.55
N LEU A 65 -47.56 -19.17 -26.50
CA LEU A 65 -47.10 -20.51 -26.21
C LEU A 65 -46.85 -21.30 -27.51
N PHE A 66 -45.59 -21.37 -27.95
CA PHE A 66 -45.20 -22.03 -29.21
C PHE A 66 -44.74 -23.49 -29.02
N PRO A 67 -44.86 -24.33 -30.08
CA PRO A 67 -44.36 -25.69 -30.02
C PRO A 67 -42.88 -25.73 -29.62
N GLU A 68 -42.56 -26.64 -28.70
CA GLU A 68 -41.19 -26.82 -28.25
C GLU A 68 -40.24 -27.07 -29.41
N GLU A 69 -40.74 -27.72 -30.47
CA GLU A 69 -39.93 -28.02 -31.67
C GLU A 69 -39.44 -26.82 -32.48
N PHE A 70 -40.08 -25.66 -32.34
CA PHE A 70 -39.68 -24.48 -33.10
C PHE A 70 -38.22 -24.10 -32.84
N SER A 71 -37.51 -23.74 -33.91
CA SER A 71 -36.17 -23.14 -33.78
C SER A 71 -36.24 -21.78 -33.07
N LYS A 72 -35.12 -21.33 -32.52
CA LYS A 72 -35.11 -20.01 -31.91
C LYS A 72 -35.51 -18.92 -32.93
N GLU A 73 -35.12 -19.10 -34.18
CA GLU A 73 -35.45 -18.11 -35.22
C GLU A 73 -36.96 -18.09 -35.56
N GLU A 74 -37.58 -19.27 -35.55
CA GLU A 74 -39.02 -19.34 -35.72
C GLU A 74 -39.73 -18.68 -34.54
N LEU A 75 -39.18 -18.88 -33.33
CA LEU A 75 -39.76 -18.25 -32.14
C LEU A 75 -39.75 -16.73 -32.28
N ARG A 76 -38.59 -16.17 -32.67
CA ARG A 76 -38.43 -14.74 -32.97
C ARG A 76 -39.41 -14.24 -34.06
N GLU A 77 -39.46 -14.92 -35.21
CA GLU A 77 -40.27 -14.47 -36.34
C GLU A 77 -41.74 -14.34 -35.98
N ARG A 78 -42.32 -15.43 -35.45
CA ARG A 78 -43.74 -15.54 -35.17
C ARG A 78 -44.13 -14.63 -34.00
N GLY A 79 -43.31 -14.65 -32.95
CA GLY A 79 -43.53 -13.81 -31.78
C GLY A 79 -43.62 -12.34 -32.15
N LEU A 80 -42.68 -11.90 -32.99
CA LEU A 80 -42.60 -10.50 -33.39
C LEU A 80 -43.78 -10.13 -34.29
N GLU A 81 -44.11 -11.04 -35.21
CA GLU A 81 -45.28 -10.96 -36.07
C GLU A 81 -46.58 -10.72 -35.29
N ILE A 82 -46.88 -11.62 -34.35
CA ILE A 82 -48.09 -11.52 -33.50
C ILE A 82 -48.05 -10.23 -32.67
N GLY A 83 -46.91 -9.96 -32.04
CA GLY A 83 -46.71 -8.74 -31.24
C GLY A 83 -47.11 -7.47 -31.98
N LYS A 84 -46.56 -7.29 -33.18
CA LYS A 84 -46.85 -6.13 -34.05
C LYS A 84 -48.30 -6.10 -34.52
N ALA A 85 -48.88 -7.27 -34.73
CA ALA A 85 -50.28 -7.35 -35.17
C ALA A 85 -51.30 -6.92 -34.08
N VAL A 86 -50.96 -7.10 -32.81
CA VAL A 86 -51.93 -6.89 -31.72
C VAL A 86 -51.76 -5.59 -30.91
N LEU A 87 -50.67 -4.86 -31.18
CA LEU A 87 -50.39 -3.60 -30.45
C LEU A 87 -50.75 -2.36 -31.26
N ASP A 88 -51.16 -1.28 -30.57
CA ASP A 88 -51.56 -0.05 -31.27
C ASP A 88 -50.33 0.63 -31.87
N SER A 89 -49.24 0.59 -31.13
CA SER A 89 -47.93 1.07 -31.56
C SER A 89 -46.95 0.16 -30.84
N TYR A 90 -45.70 0.15 -31.28
CA TYR A 90 -44.73 -0.81 -30.76
C TYR A 90 -43.28 -0.38 -30.95
N GLU A 91 -42.42 -0.96 -30.11
CA GLU A 91 -40.98 -0.81 -30.18
C GLU A 91 -40.39 -2.21 -30.04
N ILE A 92 -39.33 -2.48 -30.78
CA ILE A 92 -38.63 -3.75 -30.61
C ILE A 92 -37.19 -3.46 -30.20
N ARG A 93 -36.87 -3.79 -28.96
CA ARG A 93 -35.57 -3.52 -28.35
C ARG A 93 -35.27 -4.57 -27.30
N TYR A 94 -34.29 -5.43 -27.53
CA TYR A 94 -34.04 -6.50 -26.59
C TYR A 94 -32.59 -6.92 -26.66
N ALA A 95 -32.10 -7.56 -25.60
CA ALA A 95 -30.70 -7.98 -25.57
C ALA A 95 -30.50 -9.37 -26.16
N GLU A 96 -31.36 -10.33 -25.79
CA GLU A 96 -31.17 -11.71 -26.26
C GLU A 96 -32.52 -12.34 -26.62
N HIS A 97 -33.43 -12.40 -25.66
CA HIS A 97 -34.73 -12.97 -25.92
C HIS A 97 -35.66 -11.98 -26.63
N PRO A 98 -36.18 -12.37 -27.80
CA PRO A 98 -37.01 -11.48 -28.64
C PRO A 98 -38.40 -11.28 -28.03
N TYR A 99 -38.92 -10.05 -28.12
CA TYR A 99 -40.27 -9.75 -27.69
C TYR A 99 -40.68 -8.41 -28.26
N VAL A 100 -41.97 -8.11 -28.19
CA VAL A 100 -42.43 -6.81 -28.64
C VAL A 100 -42.97 -6.02 -27.46
N HIS A 101 -42.43 -4.82 -27.26
CA HIS A 101 -43.02 -3.89 -26.31
C HIS A 101 -43.93 -2.91 -27.04
N GLY A 102 -45.07 -2.58 -26.46
CA GLY A 102 -45.97 -1.63 -27.09
C GLY A 102 -47.13 -1.17 -26.24
N VAL A 103 -48.18 -0.70 -26.89
CA VAL A 103 -49.27 -0.05 -26.20
C VAL A 103 -50.61 -0.53 -26.75
N VAL A 104 -51.55 -0.84 -25.84
CA VAL A 104 -52.95 -1.05 -26.23
C VAL A 104 -53.83 -0.10 -25.42
N LYS A 105 -54.57 0.76 -26.10
CA LYS A 105 -55.49 1.73 -25.46
C LYS A 105 -54.82 2.48 -24.30
N GLY A 106 -53.63 3.00 -24.56
CA GLY A 106 -52.88 3.79 -23.59
C GLY A 106 -52.08 3.00 -22.56
N VAL A 107 -52.19 1.68 -22.60
CA VAL A 107 -51.56 0.80 -21.59
C VAL A 107 -50.38 0.03 -22.18
N GLU A 108 -49.25 0.03 -21.47
CA GLU A 108 -48.06 -0.69 -21.90
C GLU A 108 -48.21 -2.20 -21.79
N VAL A 109 -47.59 -2.90 -22.75
CA VAL A 109 -47.76 -4.33 -22.95
C VAL A 109 -46.42 -4.93 -23.40
N ASP A 110 -46.02 -6.03 -22.78
CA ASP A 110 -44.97 -6.89 -23.35
C ASP A 110 -45.62 -8.13 -23.97
N VAL A 111 -45.37 -8.37 -25.27
CA VAL A 111 -45.82 -9.59 -25.96
C VAL A 111 -44.58 -10.44 -26.19
N VAL A 112 -44.53 -11.56 -25.47
CA VAL A 112 -43.34 -12.38 -25.37
C VAL A 112 -43.63 -13.80 -25.87
N PRO A 113 -42.84 -14.28 -26.85
CA PRO A 113 -42.94 -15.69 -27.26
C PRO A 113 -42.16 -16.59 -26.31
N CYS A 114 -42.69 -17.79 -26.08
CA CYS A 114 -41.93 -18.79 -25.31
C CYS A 114 -42.32 -20.17 -25.81
N TYR A 115 -41.64 -21.18 -25.29
CA TYR A 115 -41.91 -22.55 -25.63
C TYR A 115 -42.93 -23.12 -24.64
N LYS A 116 -43.96 -23.77 -25.18
CA LYS A 116 -44.96 -24.46 -24.36
C LYS A 116 -44.36 -25.77 -23.87
N LEU A 117 -43.72 -25.72 -22.70
CA LEU A 117 -43.12 -26.90 -22.10
C LEU A 117 -44.09 -27.61 -21.15
N LYS A 118 -43.87 -28.90 -20.91
CA LYS A 118 -44.64 -29.68 -19.94
C LYS A 118 -44.08 -29.44 -18.53
N GLU A 119 -42.76 -29.29 -18.45
CA GLU A 119 -42.05 -29.00 -17.20
C GLU A 119 -40.97 -27.97 -17.48
N PRO A 120 -40.72 -27.06 -16.52
CA PRO A 120 -39.71 -26.01 -16.74
C PRO A 120 -38.29 -26.47 -16.37
N LYS A 121 -37.98 -27.73 -16.61
CA LYS A 121 -36.63 -28.25 -16.52
C LYS A 121 -36.03 -28.15 -17.92
N ASN A 122 -34.71 -27.99 -18.01
CA ASN A 122 -34.00 -27.87 -19.29
C ASN A 122 -34.73 -26.92 -20.24
N ILE A 123 -34.88 -25.70 -19.76
CA ILE A 123 -35.59 -24.64 -20.43
C ILE A 123 -34.98 -24.35 -21.82
N LYS A 124 -35.82 -24.09 -22.82
CA LYS A 124 -35.29 -23.88 -24.17
C LYS A 124 -35.04 -22.39 -24.47
N SER A 125 -35.97 -21.52 -24.09
CA SER A 125 -35.77 -20.06 -24.16
C SER A 125 -35.62 -19.50 -22.74
N ALA A 126 -35.03 -18.31 -22.62
CA ALA A 126 -34.71 -17.72 -21.30
C ALA A 126 -35.92 -17.46 -20.41
N VAL A 127 -37.10 -17.34 -21.02
CA VAL A 127 -38.34 -16.91 -20.37
C VAL A 127 -39.35 -18.05 -20.08
N ASP A 128 -38.98 -19.29 -20.39
CA ASP A 128 -39.90 -20.43 -20.33
C ASP A 128 -40.47 -20.77 -18.93
N ARG A 129 -39.79 -20.36 -17.86
CA ARG A 129 -40.31 -20.53 -16.49
C ARG A 129 -41.52 -19.66 -16.21
N THR A 130 -41.64 -18.55 -16.91
CA THR A 130 -42.64 -17.54 -16.54
C THR A 130 -44.12 -17.99 -16.46
N PRO A 131 -44.62 -18.81 -17.42
CA PRO A 131 -45.94 -19.41 -17.25
C PRO A 131 -46.07 -20.30 -16.01
N PHE A 132 -44.98 -20.99 -15.64
CA PHE A 132 -45.00 -21.83 -14.44
C PHE A 132 -44.96 -21.01 -13.12
N HIS A 133 -44.19 -19.90 -13.11
CA HIS A 133 -44.26 -18.90 -12.03
C HIS A 133 -45.71 -18.50 -11.77
N HIS A 134 -46.43 -18.20 -12.84
CA HIS A 134 -47.80 -17.72 -12.69
C HIS A 134 -48.74 -18.77 -12.09
N LYS A 135 -48.67 -19.99 -12.61
CA LYS A 135 -49.44 -21.10 -12.09
C LYS A 135 -49.10 -21.42 -10.62
N TRP A 136 -47.82 -21.35 -10.27
CA TRP A 136 -47.38 -21.59 -8.89
C TRP A 136 -47.93 -20.51 -7.93
N LEU A 137 -47.87 -19.26 -8.37
CA LEU A 137 -48.30 -18.15 -7.51
C LEU A 137 -49.79 -17.90 -7.46
N GLU A 138 -50.52 -18.21 -8.53
CA GLU A 138 -51.92 -17.77 -8.66
C GLU A 138 -52.83 -18.12 -7.47
N GLY A 139 -52.74 -19.34 -6.95
CA GLY A 139 -53.57 -19.74 -5.80
C GLY A 139 -52.89 -19.62 -4.45
N ARG A 140 -51.67 -19.07 -4.43
CA ARG A 140 -50.91 -18.89 -3.18
C ARG A 140 -50.79 -17.42 -2.74
N ILE A 141 -51.00 -16.50 -3.68
CA ILE A 141 -50.79 -15.05 -3.48
C ILE A 141 -52.11 -14.31 -3.17
N LYS A 142 -53.22 -14.97 -3.39
CA LYS A 142 -54.56 -14.43 -3.08
C LYS A 142 -54.67 -13.84 -1.68
N GLY A 143 -55.21 -12.62 -1.61
CA GLY A 143 -55.35 -11.91 -0.34
C GLY A 143 -54.03 -11.40 0.22
N LYS A 144 -52.93 -11.57 -0.51
CA LYS A 144 -51.66 -10.97 -0.11
C LYS A 144 -51.10 -9.96 -1.13
N GLU A 145 -51.97 -9.53 -2.04
CA GLU A 145 -51.62 -8.58 -3.12
C GLU A 145 -51.01 -7.32 -2.54
N ASN A 146 -51.63 -6.77 -1.51
CA ASN A 146 -51.15 -5.49 -1.01
C ASN A 146 -49.86 -5.59 -0.19
N GLU A 147 -49.59 -6.77 0.38
CA GLU A 147 -48.30 -7.05 1.04
C GLU A 147 -47.19 -7.01 -0.01
N VAL A 148 -47.45 -7.59 -1.19
CA VAL A 148 -46.49 -7.58 -2.28
C VAL A 148 -46.23 -6.15 -2.71
N ARG A 149 -47.30 -5.36 -2.87
CA ARG A 149 -47.18 -3.97 -3.30
C ARG A 149 -46.39 -3.08 -2.32
N LEU A 150 -46.57 -3.31 -1.03
CA LEU A 150 -45.75 -2.65 0.00
C LEU A 150 -44.26 -2.97 -0.12
N LEU A 151 -43.93 -4.25 -0.30
CA LEU A 151 -42.54 -4.66 -0.45
C LEU A 151 -41.94 -4.04 -1.72
N LYS A 152 -42.63 -4.16 -2.85
CA LYS A 152 -42.21 -3.49 -4.11
C LYS A 152 -42.05 -1.96 -3.96
N GLY A 153 -43.01 -1.30 -3.33
CA GLY A 153 -42.95 0.17 -3.12
C GLY A 153 -41.77 0.57 -2.25
N PHE A 154 -41.56 -0.18 -1.19
CA PHE A 154 -40.42 -0.02 -0.27
C PHE A 154 -39.07 -0.16 -1.01
N LEU A 155 -38.95 -1.21 -1.84
CA LEU A 155 -37.74 -1.45 -2.61
C LEU A 155 -37.51 -0.35 -3.64
N LYS A 156 -38.57 -0.04 -4.37
CA LYS A 156 -38.51 0.96 -5.42
C LYS A 156 -38.11 2.34 -4.89
N ALA A 157 -38.71 2.74 -3.77
CA ALA A 157 -38.41 4.04 -3.17
C ALA A 157 -36.96 4.11 -2.73
N ASN A 158 -36.34 2.95 -2.52
CA ASN A 158 -34.95 2.90 -2.09
C ASN A 158 -33.98 2.42 -3.16
N GLY A 159 -34.44 2.49 -4.40
CA GLY A 159 -33.60 2.24 -5.59
C GLY A 159 -33.08 0.83 -5.78
N ILE A 160 -33.69 -0.16 -5.15
CA ILE A 160 -33.21 -1.55 -5.25
C ILE A 160 -34.31 -2.52 -5.76
N TYR A 161 -35.29 -1.94 -6.46
CA TYR A 161 -36.34 -2.70 -7.12
C TYR A 161 -36.04 -2.94 -8.62
N GLY A 162 -35.96 -4.22 -8.99
CA GLY A 162 -35.65 -4.66 -10.36
C GLY A 162 -34.35 -5.45 -10.40
N ALA A 163 -34.33 -6.54 -11.18
CA ALA A 163 -33.16 -7.41 -11.29
C ALA A 163 -32.25 -7.07 -12.48
N GLU A 164 -32.69 -6.13 -13.32
CA GLU A 164 -31.92 -5.71 -14.49
C GLU A 164 -30.56 -5.12 -14.08
N TYR A 165 -29.57 -5.22 -14.99
CA TYR A 165 -28.19 -4.78 -14.69
C TYR A 165 -28.07 -3.36 -14.17
N LYS A 166 -28.96 -2.48 -14.62
CA LYS A 166 -28.94 -1.09 -14.19
C LYS A 166 -29.24 -0.93 -12.69
N VAL A 167 -29.96 -1.91 -12.13
CA VAL A 167 -30.35 -1.89 -10.72
C VAL A 167 -29.63 -2.98 -9.89
N ARG A 168 -29.52 -4.19 -10.42
CA ARG A 168 -28.97 -5.34 -9.62
C ARG A 168 -29.69 -5.49 -8.26
N GLY A 169 -31.03 -5.44 -8.31
CA GLY A 169 -31.87 -5.50 -7.13
C GLY A 169 -32.82 -6.68 -7.13
N PHE A 170 -33.99 -6.47 -6.52
CA PHE A 170 -35.04 -7.46 -6.31
C PHE A 170 -36.08 -7.39 -7.42
N SER A 171 -36.30 -8.49 -8.14
CA SER A 171 -37.39 -8.56 -9.12
C SER A 171 -38.76 -8.59 -8.45
N GLY A 172 -39.81 -8.20 -9.19
CA GLY A 172 -41.19 -8.45 -8.77
C GLY A 172 -41.43 -9.88 -8.32
N TYR A 173 -41.03 -10.85 -9.13
CA TYR A 173 -41.28 -12.25 -8.79
C TYR A 173 -40.64 -12.62 -7.46
N LEU A 174 -39.40 -12.16 -7.24
CA LEU A 174 -38.72 -12.37 -5.95
C LEU A 174 -39.57 -11.81 -4.81
N CYS A 175 -40.13 -10.62 -5.02
CA CYS A 175 -41.00 -10.03 -3.98
C CYS A 175 -42.19 -10.92 -3.65
N GLU A 176 -42.83 -11.46 -4.68
CA GLU A 176 -43.97 -12.36 -4.50
C GLU A 176 -43.56 -13.60 -3.73
N LEU A 177 -42.43 -14.18 -4.09
CA LEU A 177 -41.93 -15.36 -3.38
C LEU A 177 -41.71 -15.09 -1.91
N LEU A 178 -41.08 -13.95 -1.60
CA LEU A 178 -40.81 -13.53 -0.21
C LEU A 178 -42.09 -13.41 0.61
N ILE A 179 -43.11 -12.82 -0.02
CA ILE A 179 -44.40 -12.61 0.63
C ILE A 179 -45.08 -13.94 0.88
N VAL A 180 -44.96 -14.87 -0.06
CA VAL A 180 -45.50 -16.21 0.19
C VAL A 180 -44.75 -16.88 1.34
N PHE A 181 -43.43 -16.74 1.34
CA PHE A 181 -42.57 -17.39 2.37
C PHE A 181 -42.79 -16.87 3.81
N TYR A 182 -42.90 -15.54 3.95
CA TYR A 182 -42.98 -14.87 5.24
C TYR A 182 -44.40 -14.47 5.64
N GLY A 183 -45.29 -14.35 4.65
CA GLY A 183 -46.70 -14.07 4.90
C GLY A 183 -47.15 -12.64 4.76
N SER A 184 -46.21 -11.71 4.93
CA SER A 184 -46.53 -10.28 4.96
C SER A 184 -45.29 -9.44 4.72
N PHE A 185 -45.48 -8.18 4.35
CA PHE A 185 -44.40 -7.21 4.23
C PHE A 185 -43.67 -7.11 5.57
N LEU A 186 -44.42 -6.92 6.66
CA LEU A 186 -43.85 -6.68 7.98
C LEU A 186 -42.97 -7.85 8.43
N GLU A 187 -43.47 -9.08 8.27
CA GLU A 187 -42.69 -10.28 8.56
C GLU A 187 -41.43 -10.44 7.68
N THR A 188 -41.51 -10.08 6.41
CA THR A 188 -40.36 -10.15 5.50
C THR A 188 -39.27 -9.20 6.03
N VAL A 189 -39.66 -7.98 6.33
CA VAL A 189 -38.75 -6.93 6.80
C VAL A 189 -38.11 -7.35 8.11
N LYS A 190 -38.90 -7.92 9.03
CA LYS A 190 -38.42 -8.33 10.34
C LYS A 190 -37.41 -9.47 10.22
N ASN A 191 -37.70 -10.41 9.33
CA ASN A 191 -36.78 -11.52 9.14
C ASN A 191 -35.51 -11.16 8.33
N ALA A 192 -35.65 -10.26 7.36
CA ALA A 192 -34.50 -9.84 6.50
C ALA A 192 -33.40 -9.17 7.32
N ARG A 193 -33.76 -8.58 8.47
CA ARG A 193 -32.75 -8.09 9.42
C ARG A 193 -31.71 -9.15 9.79
N ARG A 194 -32.08 -10.42 9.66
CA ARG A 194 -31.18 -11.52 10.03
C ARG A 194 -30.59 -12.30 8.83
N TRP A 195 -30.83 -11.83 7.63
CA TRP A 195 -30.25 -12.42 6.41
C TRP A 195 -28.75 -12.18 6.32
N THR A 196 -28.04 -13.15 5.78
CA THR A 196 -26.59 -13.05 5.62
C THR A 196 -26.28 -13.30 4.15
N ARG A 197 -25.04 -13.05 3.75
CA ARG A 197 -24.60 -13.37 2.38
C ARG A 197 -24.59 -14.87 2.10
N ARG A 198 -24.93 -15.68 3.11
CA ARG A 198 -25.00 -17.12 2.95
C ARG A 198 -26.42 -17.68 3.07
N THR A 199 -27.41 -16.80 3.20
CA THR A 199 -28.81 -17.20 3.42
C THR A 199 -29.45 -17.86 2.20
N VAL A 200 -30.02 -19.04 2.39
CA VAL A 200 -30.78 -19.72 1.34
C VAL A 200 -32.25 -19.77 1.72
N ILE A 201 -33.11 -19.22 0.88
CA ILE A 201 -34.55 -19.28 1.09
C ILE A 201 -35.17 -20.25 0.09
N ASP A 202 -35.77 -21.34 0.58
CA ASP A 202 -36.35 -22.35 -0.29
C ASP A 202 -37.86 -22.39 -0.04
N VAL A 203 -38.61 -21.55 -0.74
CA VAL A 203 -40.07 -21.43 -0.50
C VAL A 203 -40.85 -22.74 -0.73
N ALA A 204 -40.50 -23.53 -1.74
CA ALA A 204 -41.20 -24.80 -1.96
C ALA A 204 -41.01 -25.79 -0.79
N LYS A 205 -39.86 -25.75 -0.15
CA LYS A 205 -39.55 -26.62 1.00
C LYS A 205 -39.90 -26.00 2.37
N GLY A 206 -40.34 -24.74 2.37
CA GLY A 206 -40.70 -24.02 3.59
C GLY A 206 -39.51 -23.75 4.49
N GLU A 207 -38.33 -23.62 3.90
CA GLU A 207 -37.09 -23.77 4.64
C GLU A 207 -36.09 -22.62 4.43
N VAL A 208 -35.42 -22.21 5.51
CA VAL A 208 -34.24 -21.34 5.43
C VAL A 208 -33.04 -22.16 5.85
N ARG A 209 -31.99 -22.12 5.05
CA ARG A 209 -30.72 -22.78 5.36
C ARG A 209 -29.52 -21.93 5.01
N LYS A 210 -28.33 -22.51 5.13
CA LYS A 210 -27.07 -21.82 4.91
C LYS A 210 -26.44 -22.46 3.69
N GLY A 211 -25.96 -21.65 2.75
CA GLY A 211 -25.24 -22.17 1.60
C GLY A 211 -24.01 -21.34 1.31
N GLU A 212 -23.58 -21.36 0.05
CA GLU A 212 -22.35 -20.69 -0.36
C GLU A 212 -22.59 -19.22 -0.65
N GLU A 213 -23.81 -18.90 -1.08
CA GLU A 213 -24.22 -17.51 -1.26
C GLU A 213 -25.72 -17.32 -1.08
N PHE A 214 -26.17 -16.07 -1.23
CA PHE A 214 -27.58 -15.75 -1.09
C PHE A 214 -28.36 -16.34 -2.26
N PHE A 215 -29.29 -17.23 -1.92
CA PHE A 215 -29.94 -18.05 -2.92
C PHE A 215 -31.41 -18.18 -2.52
N VAL A 216 -32.28 -17.70 -3.41
CA VAL A 216 -33.72 -17.88 -3.23
C VAL A 216 -34.15 -18.92 -4.28
N VAL A 217 -34.48 -20.13 -3.83
CA VAL A 217 -34.73 -21.25 -4.76
C VAL A 217 -36.09 -21.01 -5.43
N ASP A 218 -36.07 -20.97 -6.76
CA ASP A 218 -37.31 -20.91 -7.55
C ASP A 218 -38.14 -22.19 -7.28
N PRO A 219 -39.39 -22.05 -6.82
CA PRO A 219 -40.23 -23.26 -6.53
C PRO A 219 -40.56 -24.06 -7.80
N VAL A 220 -40.22 -23.48 -8.93
CA VAL A 220 -40.53 -24.01 -10.25
C VAL A 220 -39.29 -24.70 -10.87
N ASP A 221 -38.12 -24.44 -10.27
CA ASP A 221 -36.82 -24.90 -10.81
C ASP A 221 -35.80 -24.77 -9.70
N GLU A 222 -35.49 -25.91 -9.08
CA GLU A 222 -34.62 -25.93 -7.90
C GLU A 222 -33.18 -25.45 -8.19
N LYS A 223 -32.80 -25.46 -9.46
CA LYS A 223 -31.48 -25.00 -9.86
C LYS A 223 -31.40 -23.48 -10.02
N ARG A 224 -32.56 -22.81 -10.11
CA ARG A 224 -32.66 -21.39 -10.41
C ARG A 224 -32.55 -20.59 -9.11
N ASN A 225 -31.56 -19.68 -9.02
CA ASN A 225 -31.59 -18.61 -8.00
C ASN A 225 -32.37 -17.39 -8.48
N VAL A 226 -33.52 -17.14 -7.87
CA VAL A 226 -34.36 -16.01 -8.23
C VAL A 226 -33.62 -14.68 -7.92
N ALA A 227 -32.77 -14.72 -6.89
CA ALA A 227 -31.93 -13.59 -6.52
C ALA A 227 -30.52 -13.62 -7.12
N ALA A 228 -30.33 -14.34 -8.24
CA ALA A 228 -29.01 -14.45 -8.88
C ALA A 228 -28.35 -13.09 -9.14
N ASN A 229 -29.14 -12.11 -9.60
CA ASN A 229 -28.58 -10.80 -9.96
C ASN A 229 -28.73 -9.70 -8.90
N LEU A 230 -29.20 -10.06 -7.69
CA LEU A 230 -29.15 -9.14 -6.55
C LEU A 230 -27.69 -9.02 -6.07
N SER A 231 -27.11 -7.81 -6.16
CA SER A 231 -25.70 -7.64 -5.77
C SER A 231 -25.54 -7.82 -4.27
N LEU A 232 -24.35 -8.22 -3.85
CA LEU A 232 -24.06 -8.30 -2.43
C LEU A 232 -24.36 -6.97 -1.73
N ASP A 233 -24.03 -5.86 -2.39
CA ASP A 233 -24.18 -4.57 -1.75
C ASP A 233 -25.61 -4.12 -1.63
N ASN A 234 -26.44 -4.52 -2.60
CA ASN A 234 -27.88 -4.23 -2.54
C ASN A 234 -28.62 -5.12 -1.55
N LEU A 235 -28.18 -6.38 -1.43
CA LEU A 235 -28.60 -7.22 -0.31
C LEU A 235 -28.28 -6.51 1.02
N ALA A 236 -27.04 -6.05 1.15
CA ALA A 236 -26.57 -5.32 2.34
C ALA A 236 -27.46 -4.11 2.65
N ARG A 237 -27.75 -3.31 1.62
CA ARG A 237 -28.60 -2.14 1.77
C ARG A 237 -30.01 -2.47 2.24
N PHE A 238 -30.60 -3.52 1.69
CA PHE A 238 -31.93 -3.95 2.13
C PHE A 238 -31.90 -4.44 3.57
N VAL A 239 -30.94 -5.29 3.93
CA VAL A 239 -30.84 -5.73 5.32
C VAL A 239 -30.77 -4.52 6.27
N HIS A 240 -29.88 -3.56 5.97
CA HIS A 240 -29.70 -2.36 6.81
C HIS A 240 -30.98 -1.51 6.86
N LEU A 241 -31.64 -1.35 5.71
CA LEU A 241 -32.95 -0.66 5.63
C LEU A 241 -34.03 -1.31 6.50
N CYS A 242 -34.07 -2.64 6.51
CA CYS A 242 -35.08 -3.35 7.33
C CYS A 242 -34.81 -3.11 8.82
N ARG A 243 -33.52 -3.03 9.17
CA ARG A 243 -33.12 -2.78 10.55
C ARG A 243 -33.48 -1.36 10.98
N GLU A 244 -33.28 -0.40 10.07
CA GLU A 244 -33.63 1.00 10.30
C GLU A 244 -35.14 1.21 10.43
N PHE A 245 -35.89 0.60 9.52
CA PHE A 245 -37.33 0.72 9.54
C PHE A 245 -37.93 0.13 10.83
N MET A 246 -37.42 -1.00 11.30
CA MET A 246 -37.96 -1.62 12.52
C MET A 246 -37.62 -0.78 13.75
N GLU A 247 -36.43 -0.19 13.76
CA GLU A 247 -36.00 0.74 14.82
C GLU A 247 -36.84 2.03 14.86
N ALA A 248 -37.09 2.62 13.71
CA ALA A 248 -37.89 3.86 13.63
C ALA A 248 -38.77 3.93 12.38
N PRO A 249 -39.93 3.27 12.41
CA PRO A 249 -40.85 3.17 11.27
C PRO A 249 -41.36 4.53 10.86
N SER A 250 -41.37 4.78 9.55
CA SER A 250 -41.74 6.06 9.01
C SER A 250 -42.26 5.89 7.60
N LEU A 251 -43.22 6.72 7.22
CA LEU A 251 -43.74 6.71 5.85
C LEU A 251 -42.64 7.12 4.86
N GLY A 252 -41.63 7.82 5.36
CA GLY A 252 -40.50 8.26 4.56
C GLY A 252 -39.79 7.17 3.76
N PHE A 253 -39.77 5.94 4.29
CA PHE A 253 -39.17 4.77 3.63
C PHE A 253 -39.85 4.33 2.34
N PHE A 254 -41.06 4.84 2.09
CA PHE A 254 -41.83 4.57 0.89
C PHE A 254 -41.86 5.79 -0.03
N LYS A 255 -41.17 6.85 0.37
CA LYS A 255 -41.13 8.06 -0.42
C LYS A 255 -39.77 8.17 -1.10
N PRO A 256 -39.75 8.15 -2.45
CA PRO A 256 -38.48 8.24 -3.14
C PRO A 256 -37.84 9.62 -2.98
N LYS A 257 -36.50 9.63 -2.95
CA LYS A 257 -35.75 10.86 -2.92
C LYS A 257 -35.21 11.14 -4.31
N HIS A 258 -35.07 12.42 -4.62
N HIS A 258 -35.00 12.42 -4.60
CA HIS A 258 -34.50 12.88 -5.89
CA HIS A 258 -34.50 12.87 -5.88
C HIS A 258 -33.30 13.77 -5.59
C HIS A 258 -33.32 13.79 -5.62
N PRO A 259 -32.27 13.72 -6.47
CA PRO A 259 -31.09 14.62 -6.29
C PRO A 259 -31.45 16.09 -6.40
N LEU A 260 -30.87 16.92 -5.54
CA LEU A 260 -31.06 18.38 -5.65
C LEU A 260 -30.16 18.93 -6.75
N GLU A 261 -30.55 20.06 -7.33
CA GLU A 261 -29.66 20.81 -8.19
C GLU A 261 -28.62 21.41 -7.28
N ILE A 262 -27.37 21.07 -7.52
CA ILE A 262 -26.28 21.62 -6.75
C ILE A 262 -25.48 22.56 -7.64
N GLU A 263 -25.32 23.78 -7.15
CA GLU A 263 -24.51 24.80 -7.82
C GLU A 263 -23.04 24.31 -7.93
N PRO A 264 -22.40 24.58 -9.07
CA PRO A 264 -21.01 24.15 -9.24
C PRO A 264 -20.07 24.70 -8.15
N GLU A 265 -20.55 25.70 -7.42
CA GLU A 265 -19.80 26.35 -6.36
C GLU A 265 -19.81 25.57 -5.05
N ARG A 266 -20.95 24.97 -4.70
CA ARG A 266 -21.01 24.04 -3.57
C ARG A 266 -20.07 22.87 -3.88
N LEU A 267 -20.12 22.37 -5.13
CA LEU A 267 -19.23 21.30 -5.59
C LEU A 267 -17.76 21.64 -5.46
N ARG A 268 -17.37 22.79 -6.00
CA ARG A 268 -15.98 23.28 -5.90
C ARG A 268 -15.48 23.31 -4.45
N LYS A 269 -16.26 23.95 -3.57
CA LYS A 269 -15.94 24.02 -2.14
C LYS A 269 -15.78 22.63 -1.51
N ILE A 270 -16.66 21.70 -1.88
CA ILE A 270 -16.61 20.35 -1.33
C ILE A 270 -15.34 19.61 -1.77
N VAL A 271 -15.02 19.68 -3.06
CA VAL A 271 -13.84 18.99 -3.59
C VAL A 271 -12.57 19.61 -3.02
N GLU A 272 -12.59 20.93 -2.86
CA GLU A 272 -11.50 21.67 -2.24
C GLU A 272 -11.27 21.23 -0.78
N GLU A 273 -12.35 21.15 -0.01
CA GLU A 273 -12.29 20.66 1.36
C GLU A 273 -11.78 19.20 1.44
N ARG A 274 -12.21 18.36 0.51
CA ARG A 274 -11.77 16.95 0.45
C ARG A 274 -10.29 16.81 0.08
N GLY A 275 -9.81 17.72 -0.77
CA GLY A 275 -8.39 17.78 -1.20
C GLY A 275 -8.01 16.72 -2.22
N THR A 276 -9.00 16.25 -2.96
CA THR A 276 -8.84 15.11 -3.87
C THR A 276 -8.80 15.54 -5.33
N ALA A 277 -8.37 14.62 -6.18
CA ALA A 277 -8.51 14.74 -7.62
C ALA A 277 -9.82 14.10 -8.00
N VAL A 278 -10.72 14.88 -8.58
CA VAL A 278 -12.01 14.39 -9.08
C VAL A 278 -12.05 14.65 -10.58
N PHE A 279 -12.27 13.59 -11.36
CA PHE A 279 -12.23 13.70 -12.81
C PHE A 279 -13.09 12.62 -13.46
N ALA A 280 -13.48 12.85 -14.71
CA ALA A 280 -14.26 11.89 -15.46
C ALA A 280 -13.65 11.60 -16.82
N VAL A 281 -13.83 10.36 -17.24
CA VAL A 281 -13.60 9.98 -18.62
C VAL A 281 -14.94 10.12 -19.33
N LYS A 282 -14.98 10.99 -20.32
CA LYS A 282 -16.18 11.21 -21.10
C LYS A 282 -16.03 10.68 -22.54
N PHE A 283 -17.09 10.04 -23.05
CA PHE A 283 -17.12 9.46 -24.42
C PHE A 283 -18.54 9.25 -24.91
N ARG A 284 -18.70 9.02 -26.22
CA ARG A 284 -20.05 8.90 -26.79
C ARG A 284 -20.67 7.54 -26.45
N LYS A 285 -21.93 7.59 -26.05
CA LYS A 285 -22.67 6.43 -25.59
C LYS A 285 -22.92 5.49 -26.77
N PRO A 286 -22.50 4.21 -26.65
CA PRO A 286 -22.86 3.21 -27.69
C PRO A 286 -24.39 3.06 -27.80
N ASP A 287 -24.87 2.85 -29.03
CA ASP A 287 -26.30 2.76 -29.26
C ASP A 287 -26.73 1.30 -29.03
N ILE A 288 -26.81 0.93 -27.75
CA ILE A 288 -27.11 -0.43 -27.33
C ILE A 288 -28.06 -0.36 -26.15
N VAL A 289 -28.73 -1.47 -25.86
CA VAL A 289 -29.68 -1.52 -24.74
C VAL A 289 -28.96 -1.45 -23.39
N ASP A 290 -29.70 -1.03 -22.37
CA ASP A 290 -29.19 -0.90 -21.00
C ASP A 290 -28.49 -2.17 -20.47
N ASP A 291 -29.06 -3.31 -20.83
CA ASP A 291 -28.60 -4.58 -20.27
C ASP A 291 -27.26 -5.03 -20.84
N ASN A 292 -26.86 -4.39 -21.95
CA ASN A 292 -25.53 -4.56 -22.54
C ASN A 292 -24.59 -3.44 -22.06
N LEU A 293 -25.09 -2.22 -22.07
CA LEU A 293 -24.28 -1.06 -21.68
C LEU A 293 -23.80 -1.06 -20.21
N TYR A 294 -24.69 -1.33 -19.27
CA TYR A 294 -24.34 -1.19 -17.84
C TYR A 294 -23.20 -2.09 -17.36
N PRO A 295 -23.21 -3.39 -17.70
CA PRO A 295 -22.06 -4.20 -17.29
C PRO A 295 -20.75 -3.73 -17.95
N GLN A 296 -20.84 -3.16 -19.15
CA GLN A 296 -19.68 -2.60 -19.82
C GLN A 296 -19.20 -1.31 -19.14
N LEU A 297 -20.12 -0.46 -18.71
CA LEU A 297 -19.71 0.70 -17.89
C LEU A 297 -19.04 0.25 -16.58
N GLU A 298 -19.63 -0.75 -15.93
CA GLU A 298 -19.08 -1.36 -14.73
C GLU A 298 -17.69 -1.92 -14.99
N ARG A 299 -17.51 -2.65 -16.08
CA ARG A 299 -16.18 -3.19 -16.44
C ARG A 299 -15.13 -2.09 -16.66
N ALA A 300 -15.48 -1.10 -17.48
CA ALA A 300 -14.54 -0.03 -17.87
C ALA A 300 -14.09 0.74 -16.63
N SER A 301 -15.05 1.03 -15.76
CA SER A 301 -14.71 1.82 -14.58
C SER A 301 -13.84 1.03 -13.56
N ARG A 302 -14.09 -0.26 -13.42
CA ARG A 302 -13.21 -1.14 -12.61
C ARG A 302 -11.77 -1.24 -13.15
N LYS A 303 -11.63 -1.47 -14.46
CA LYS A 303 -10.30 -1.61 -15.05
C LYS A 303 -9.45 -0.34 -14.84
N ILE A 304 -10.10 0.80 -15.00
CA ILE A 304 -9.45 2.08 -14.77
C ILE A 304 -9.17 2.31 -13.26
N PHE A 305 -10.15 2.03 -12.39
CA PHE A 305 -9.93 2.07 -10.93
C PHE A 305 -8.72 1.20 -10.57
N GLU A 306 -8.69 -0.02 -11.10
CA GLU A 306 -7.59 -0.94 -10.83
C GLU A 306 -6.24 -0.40 -11.33
N PHE A 307 -6.24 0.26 -12.49
CA PHE A 307 -5.04 0.97 -12.99
C PHE A 307 -4.58 2.05 -11.99
N LEU A 308 -5.52 2.86 -11.53
CA LEU A 308 -5.24 3.91 -10.56
C LEU A 308 -4.73 3.35 -9.24
N GLU A 309 -5.23 2.18 -8.80
CA GLU A 309 -4.68 1.63 -7.57
C GLU A 309 -3.23 1.11 -7.71
N ARG A 310 -2.92 0.40 -8.79
CA ARG A 310 -1.55 -0.10 -8.95
C ARG A 310 -0.53 1.02 -9.29
N GLU A 311 -1.01 2.12 -9.85
CA GLU A 311 -0.14 3.28 -10.09
C GLU A 311 -0.04 4.23 -8.89
N ASN A 312 -0.60 3.81 -7.73
CA ASN A 312 -0.42 4.49 -6.46
C ASN A 312 -1.07 5.87 -6.36
N PHE A 313 -2.21 6.01 -7.04
CA PHE A 313 -3.00 7.23 -6.97
C PHE A 313 -4.09 7.18 -5.91
N MET A 314 -4.24 6.02 -5.27
CA MET A 314 -5.16 5.83 -4.13
C MET A 314 -6.58 6.27 -4.48
N PRO A 315 -7.20 5.59 -5.47
CA PRO A 315 -8.56 5.97 -5.83
C PRO A 315 -9.48 5.65 -4.63
N LEU A 316 -10.52 6.44 -4.45
CA LEU A 316 -11.40 6.23 -3.33
C LEU A 316 -12.59 5.37 -3.76
N ARG A 317 -13.39 5.89 -4.67
CA ARG A 317 -14.54 5.22 -5.24
C ARG A 317 -14.63 5.67 -6.69
N SER A 318 -15.46 4.96 -7.47
CA SER A 318 -15.78 5.33 -8.84
C SER A 318 -17.30 5.31 -9.02
N ALA A 319 -17.75 5.90 -10.10
CA ALA A 319 -19.15 5.94 -10.43
C ALA A 319 -19.25 6.05 -11.94
N PHE A 320 -20.46 5.91 -12.48
CA PHE A 320 -20.65 6.21 -13.90
C PHE A 320 -22.06 6.75 -14.12
N LYS A 321 -22.24 7.42 -15.27
CA LYS A 321 -23.53 7.94 -15.72
C LYS A 321 -23.68 7.79 -17.23
N ALA A 322 -24.81 7.23 -17.66
CA ALA A 322 -25.13 7.20 -19.09
C ALA A 322 -26.17 8.28 -19.34
N SER A 323 -25.82 9.29 -20.15
CA SER A 323 -26.78 10.32 -20.54
C SER A 323 -27.33 9.97 -21.92
N GLU A 324 -28.08 10.87 -22.55
CA GLU A 324 -28.68 10.59 -23.84
C GLU A 324 -27.62 10.31 -24.92
N GLU A 325 -26.58 11.13 -24.94
CA GLU A 325 -25.56 11.00 -25.98
C GLU A 325 -24.17 10.62 -25.48
N PHE A 326 -23.93 10.84 -24.18
CA PHE A 326 -22.60 10.59 -23.60
C PHE A 326 -22.61 9.63 -22.41
N CYS A 327 -21.48 9.00 -22.15
CA CYS A 327 -21.23 8.29 -20.91
C CYS A 327 -20.06 8.94 -20.18
N TYR A 328 -20.04 8.77 -18.87
CA TYR A 328 -19.04 9.39 -17.99
C TYR A 328 -18.58 8.34 -17.03
N LEU A 329 -17.26 8.12 -16.95
CA LEU A 329 -16.73 7.28 -15.88
C LEU A 329 -16.03 8.18 -14.87
N LEU A 330 -16.49 8.17 -13.62
CA LEU A 330 -16.11 9.16 -12.62
C LEU A 330 -15.18 8.52 -11.60
N PHE A 331 -14.12 9.25 -11.21
CA PHE A 331 -13.12 8.80 -10.23
C PHE A 331 -12.72 9.90 -9.25
N GLU A 332 -12.39 9.48 -8.02
CA GLU A 332 -11.86 10.38 -7.01
C GLU A 332 -10.64 9.69 -6.43
N CYS A 333 -9.52 10.41 -6.40
CA CYS A 333 -8.24 9.90 -5.90
C CYS A 333 -7.70 10.78 -4.80
N GLN A 334 -6.99 10.16 -3.86
CA GLN A 334 -6.30 10.88 -2.80
C GLN A 334 -5.05 11.64 -3.27
N ILE A 335 -4.41 11.14 -4.32
CA ILE A 335 -3.15 11.69 -4.83
C ILE A 335 -3.42 12.49 -6.10
N LYS A 336 -3.32 13.81 -6.00
CA LYS A 336 -3.46 14.69 -7.17
C LYS A 336 -2.21 14.72 -8.03
N GLU A 337 -1.07 14.52 -7.37
CA GLU A 337 0.21 14.55 -8.04
C GLU A 337 1.18 13.68 -7.24
N ILE A 338 1.84 12.77 -7.95
CA ILE A 338 2.87 11.94 -7.38
C ILE A 338 4.21 12.42 -7.96
N SER A 339 5.31 12.08 -7.28
CA SER A 339 6.65 12.38 -7.76
C SER A 339 6.96 11.67 -9.09
N ARG A 340 7.98 12.16 -9.78
CA ARG A 340 8.44 11.54 -11.03
C ARG A 340 9.21 10.27 -10.66
N VAL A 341 10.04 10.39 -9.63
CA VAL A 341 10.92 9.29 -9.22
C VAL A 341 10.23 8.22 -8.38
N PHE A 342 10.58 6.96 -8.66
CA PHE A 342 10.14 5.82 -7.86
C PHE A 342 11.28 4.80 -7.74
N ARG A 343 11.10 3.77 -6.92
CA ARG A 343 12.09 2.72 -6.75
C ARG A 343 11.73 1.48 -7.55
N ARG A 344 12.75 0.87 -8.15
CA ARG A 344 12.60 -0.41 -8.81
C ARG A 344 13.54 -1.38 -8.10
N MET A 345 13.03 -2.55 -7.74
CA MET A 345 13.82 -3.57 -7.06
C MET A 345 14.74 -4.36 -7.99
N GLY A 346 16.02 -4.40 -7.63
CA GLY A 346 16.99 -5.20 -8.36
C GLY A 346 17.33 -6.45 -7.56
N PRO A 347 18.34 -7.21 -8.02
CA PRO A 347 18.68 -8.51 -7.43
C PRO A 347 19.52 -8.40 -6.16
N GLN A 348 19.69 -9.54 -5.49
CA GLN A 348 20.57 -9.65 -4.33
C GLN A 348 22.02 -9.48 -4.74
N PHE A 349 22.82 -8.93 -3.82
CA PHE A 349 24.21 -8.56 -4.10
C PHE A 349 25.10 -9.71 -4.53
N GLU A 350 24.74 -10.93 -4.14
CA GLU A 350 25.53 -12.14 -4.42
C GLU A 350 25.48 -12.51 -5.89
N ASP A 351 24.31 -12.32 -6.49
CA ASP A 351 24.02 -12.73 -7.86
C ASP A 351 24.69 -11.80 -8.89
N GLU A 352 25.98 -12.03 -9.14
CA GLU A 352 26.81 -11.11 -9.93
C GLU A 352 26.35 -10.90 -11.39
N ARG A 353 25.96 -11.97 -12.07
CA ARG A 353 25.50 -11.87 -13.45
C ARG A 353 24.23 -10.99 -13.52
N ASN A 354 23.26 -11.27 -12.66
CA ASN A 354 22.03 -10.47 -12.61
C ASN A 354 22.19 -9.03 -12.11
N VAL A 355 23.17 -8.80 -11.22
CA VAL A 355 23.53 -7.44 -10.80
C VAL A 355 24.09 -6.62 -11.98
N LYS A 356 25.00 -7.22 -12.75
CA LYS A 356 25.53 -6.62 -13.98
C LYS A 356 24.41 -6.14 -14.90
N LYS A 357 23.49 -7.06 -15.21
CA LYS A 357 22.32 -6.79 -16.05
C LYS A 357 21.48 -5.64 -15.50
N PHE A 358 21.28 -5.63 -14.18
CA PHE A 358 20.53 -4.58 -13.51
C PHE A 358 21.24 -3.22 -13.62
N LEU A 359 22.56 -3.23 -13.44
CA LEU A 359 23.38 -2.02 -13.47
C LEU A 359 23.70 -1.48 -14.86
N SER A 360 23.48 -2.30 -15.89
CA SER A 360 23.85 -1.95 -17.27
C SER A 360 23.03 -0.83 -17.89
N ARG A 361 21.77 -0.71 -17.46
CA ARG A 361 20.87 0.33 -17.95
C ARG A 361 21.34 1.71 -17.48
N ASN A 362 21.40 2.67 -18.40
CA ASN A 362 21.72 4.05 -18.01
C ASN A 362 20.52 4.73 -17.36
N ARG A 363 20.77 5.37 -16.22
CA ARG A 363 19.75 6.10 -15.47
C ARG A 363 20.29 7.47 -15.07
N ALA A 364 19.38 8.40 -14.79
CA ALA A 364 19.76 9.74 -14.32
C ALA A 364 20.43 9.68 -12.94
N PHE A 365 20.02 8.71 -12.13
CA PHE A 365 20.54 8.57 -10.76
C PHE A 365 21.22 7.22 -10.55
N ARG A 366 22.14 7.15 -9.60
CA ARG A 366 22.85 5.92 -9.28
C ARG A 366 21.96 4.89 -8.57
N PRO A 367 22.02 3.62 -9.01
CA PRO A 367 21.46 2.53 -8.20
C PRO A 367 22.11 2.48 -6.82
N PHE A 368 21.44 1.87 -5.85
CA PHE A 368 21.97 1.79 -4.49
C PHE A 368 21.71 0.41 -3.87
N ILE A 369 22.45 0.09 -2.80
CA ILE A 369 22.21 -1.12 -2.02
C ILE A 369 21.37 -0.81 -0.78
N GLU A 370 20.32 -1.61 -0.57
CA GLU A 370 19.48 -1.49 0.63
C GLU A 370 19.04 -2.88 1.11
N ASN A 371 19.49 -3.25 2.30
CA ASN A 371 19.16 -4.55 2.91
C ASN A 371 19.51 -5.73 2.00
N GLY A 372 20.73 -5.68 1.47
CA GLY A 372 21.30 -6.78 0.69
C GLY A 372 20.82 -6.90 -0.74
N ARG A 373 19.94 -6.00 -1.15
CA ARG A 373 19.44 -5.94 -2.53
C ARG A 373 19.84 -4.64 -3.23
N TRP A 374 20.11 -4.74 -4.53
CA TRP A 374 20.21 -3.56 -5.37
C TRP A 374 18.83 -2.96 -5.66
N TRP A 375 18.78 -1.62 -5.69
CA TRP A 375 17.58 -0.88 -6.03
C TRP A 375 17.98 0.23 -7.01
N ALA A 376 17.04 0.66 -7.84
CA ALA A 376 17.31 1.78 -8.74
C ALA A 376 16.19 2.81 -8.69
N PHE A 377 16.53 4.09 -8.88
CA PHE A 377 15.53 5.12 -9.10
C PHE A 377 15.19 5.18 -10.59
N GLU A 378 13.90 5.21 -10.89
CA GLU A 378 13.40 5.34 -12.25
C GLU A 378 12.40 6.50 -12.30
N MET A 379 11.96 6.85 -13.51
CA MET A 379 11.05 7.98 -13.72
C MET A 379 9.72 7.58 -14.37
N ARG A 380 8.63 8.04 -13.78
CA ARG A 380 7.28 7.82 -14.33
C ARG A 380 7.07 8.64 -15.58
N LYS A 381 6.16 8.18 -16.43
CA LYS A 381 5.80 8.94 -17.63
C LYS A 381 4.57 9.81 -17.40
N PHE A 382 4.05 9.80 -16.17
CA PHE A 382 2.91 10.66 -15.78
C PHE A 382 2.93 10.88 -14.27
N THR A 383 2.42 12.02 -13.82
CA THR A 383 2.48 12.34 -12.38
C THR A 383 1.12 12.71 -11.77
N THR A 384 0.08 12.73 -12.60
CA THR A 384 -1.27 12.96 -12.11
C THR A 384 -2.16 11.79 -12.53
N PRO A 385 -3.26 11.53 -11.77
CA PRO A 385 -4.16 10.44 -12.16
C PRO A 385 -4.78 10.66 -13.52
N GLU A 386 -5.06 11.93 -13.86
CA GLU A 386 -5.62 12.24 -15.17
C GLU A 386 -4.68 11.92 -16.33
N GLU A 387 -3.40 12.23 -16.16
CA GLU A 387 -2.39 11.89 -17.14
C GLU A 387 -2.26 10.37 -17.25
N GLY A 388 -2.27 9.67 -16.11
CA GLY A 388 -2.27 8.21 -16.11
C GLY A 388 -3.41 7.62 -16.92
N VAL A 389 -4.65 8.07 -16.66
CA VAL A 389 -5.84 7.55 -17.37
C VAL A 389 -5.84 7.90 -18.86
N ARG A 390 -5.34 9.09 -19.20
CA ARG A 390 -5.18 9.44 -20.63
C ARG A 390 -4.34 8.38 -21.32
N SER A 391 -3.22 8.04 -20.71
CA SER A 391 -2.34 7.00 -21.22
C SER A 391 -3.03 5.61 -21.23
N TYR A 392 -3.61 5.23 -20.09
CA TYR A 392 -4.25 3.94 -19.94
C TYR A 392 -5.42 3.75 -20.95
N ALA A 393 -6.31 4.72 -21.03
CA ALA A 393 -7.50 4.59 -21.87
C ALA A 393 -7.19 4.64 -23.38
N SER A 394 -6.14 5.36 -23.74
CA SER A 394 -5.65 5.43 -25.11
C SER A 394 -5.08 4.10 -25.57
N THR A 395 -4.34 3.42 -24.70
CA THR A 395 -3.66 2.17 -25.07
C THR A 395 -4.47 0.90 -24.71
N HIS A 396 -5.33 0.98 -23.71
CA HIS A 396 -6.10 -0.19 -23.22
C HIS A 396 -7.60 -0.13 -23.48
N TRP A 397 -8.01 0.72 -24.43
CA TRP A 397 -9.41 0.86 -24.83
C TRP A 397 -10.09 -0.52 -24.99
N HIS A 398 -9.34 -1.47 -25.55
CA HIS A 398 -9.85 -2.79 -25.92
C HIS A 398 -10.37 -3.62 -24.73
N THR A 399 -9.84 -3.35 -23.54
CA THR A 399 -10.18 -4.12 -22.36
C THR A 399 -11.33 -3.49 -21.59
N LEU A 400 -11.89 -2.41 -22.14
CA LEU A 400 -12.91 -1.62 -21.42
C LEU A 400 -14.35 -1.93 -21.82
N GLY A 401 -14.60 -3.16 -22.25
CA GLY A 401 -15.93 -3.55 -22.73
C GLY A 401 -15.99 -3.48 -24.23
N LYS A 402 -16.79 -4.37 -24.83
CA LYS A 402 -16.79 -4.48 -26.30
C LYS A 402 -17.17 -3.15 -26.99
N ASN A 403 -18.30 -2.57 -26.59
CA ASN A 403 -18.86 -1.39 -27.26
C ASN A 403 -18.37 -0.07 -26.63
N VAL A 404 -18.25 -0.07 -25.31
CA VAL A 404 -17.66 1.05 -24.57
C VAL A 404 -16.19 1.29 -24.99
N GLY A 405 -15.40 0.22 -25.06
CA GLY A 405 -14.00 0.32 -25.43
C GLY A 405 -13.79 0.79 -26.86
N GLU A 406 -14.60 0.28 -27.77
CA GLU A 406 -14.62 0.72 -29.15
C GLU A 406 -15.00 2.21 -29.30
N SER A 407 -15.96 2.69 -28.51
CA SER A 407 -16.28 4.12 -28.47
C SER A 407 -15.12 4.96 -27.91
N ILE A 408 -14.53 4.51 -26.80
CA ILE A 408 -13.35 5.17 -26.21
C ILE A 408 -12.13 5.25 -27.17
N ARG A 409 -11.94 4.21 -27.97
CA ARG A 409 -10.99 4.21 -29.07
C ARG A 409 -11.23 5.36 -30.06
N GLU A 410 -12.49 5.67 -30.34
CA GLU A 410 -12.83 6.70 -31.33
C GLU A 410 -12.65 8.10 -30.78
N TYR A 411 -13.01 8.28 -29.51
CA TYR A 411 -12.96 9.57 -28.84
C TYR A 411 -13.18 9.39 -27.36
N PHE A 412 -12.34 10.03 -26.56
CA PHE A 412 -12.62 10.23 -25.14
C PHE A 412 -11.91 11.48 -24.67
N GLU A 413 -12.41 12.04 -23.57
CA GLU A 413 -11.77 13.17 -22.95
C GLU A 413 -11.87 13.06 -21.46
N ILE A 414 -10.88 13.64 -20.80
CA ILE A 414 -10.82 13.69 -19.36
C ILE A 414 -11.19 15.11 -18.94
N ILE A 415 -12.16 15.20 -18.04
CA ILE A 415 -12.71 16.47 -17.56
C ILE A 415 -12.60 16.54 -16.04
N SER A 416 -12.35 17.75 -15.53
CA SER A 416 -12.29 18.00 -14.09
C SER A 416 -12.74 19.44 -13.78
N GLY A 417 -12.87 19.76 -12.50
CA GLY A 417 -13.22 21.13 -12.06
C GLY A 417 -14.59 21.55 -12.53
N GLU A 418 -14.77 22.86 -12.75
CA GLU A 418 -16.07 23.42 -13.13
C GLU A 418 -16.58 22.84 -14.44
N LYS A 419 -15.65 22.51 -15.34
CA LYS A 419 -16.03 21.87 -16.58
C LYS A 419 -16.81 20.58 -16.23
N LEU A 420 -16.32 19.84 -15.23
CA LEU A 420 -17.02 18.61 -14.79
C LEU A 420 -18.34 18.92 -14.09
N PHE A 421 -18.33 19.91 -13.21
CA PHE A 421 -19.54 20.26 -12.43
C PHE A 421 -20.69 20.74 -13.31
N LYS A 422 -20.35 21.10 -14.55
CA LYS A 422 -21.34 21.54 -15.54
C LYS A 422 -21.93 20.37 -16.34
N GLU A 423 -21.28 19.20 -16.26
CA GLU A 423 -21.81 17.97 -16.87
C GLU A 423 -22.96 17.41 -16.04
N PRO A 424 -23.86 16.62 -16.66
CA PRO A 424 -24.99 16.07 -15.89
C PRO A 424 -24.58 14.92 -14.99
N VAL A 425 -23.66 15.16 -14.07
CA VAL A 425 -23.09 14.11 -13.21
C VAL A 425 -23.06 14.47 -11.71
N THR A 426 -23.78 15.53 -11.33
CA THR A 426 -23.70 16.05 -9.98
C THR A 426 -24.30 15.09 -8.95
N ALA A 427 -25.40 14.42 -9.32
CA ALA A 427 -25.99 13.38 -8.46
C ALA A 427 -24.98 12.27 -8.17
N GLU A 428 -24.28 11.83 -9.22
CA GLU A 428 -23.30 10.75 -9.08
C GLU A 428 -22.07 11.19 -8.27
N LEU A 429 -21.62 12.44 -8.47
CA LEU A 429 -20.50 12.99 -7.67
C LEU A 429 -20.89 13.08 -6.19
N CYS A 430 -22.08 13.60 -5.92
CA CYS A 430 -22.60 13.68 -4.55
C CYS A 430 -22.70 12.31 -3.85
N GLU A 431 -23.18 11.28 -4.56
CA GLU A 431 -23.29 9.93 -3.99
C GLU A 431 -21.91 9.29 -3.77
N MET A 432 -21.06 9.40 -4.78
CA MET A 432 -19.70 8.90 -4.72
C MET A 432 -18.94 9.44 -3.50
N MET A 433 -19.11 10.72 -3.23
CA MET A 433 -18.40 11.44 -2.15
C MET A 433 -19.10 11.39 -0.79
N GLY A 434 -20.34 10.93 -0.77
CA GLY A 434 -21.11 10.87 0.50
C GLY A 434 -21.48 12.27 1.01
N VAL A 435 -21.76 13.15 0.06
CA VAL A 435 -22.22 14.50 0.41
C VAL A 435 -23.55 14.39 1.14
N LYS A 436 -23.59 14.96 2.34
CA LYS A 436 -24.80 15.06 3.15
C LYS A 436 -25.78 16.04 2.50
N ASP A 437 -27.07 15.74 2.64
CA ASP A 437 -28.12 16.72 2.33
C ASP A 437 -28.14 17.18 0.86
N CYS A 438 -28.03 16.23 -0.05
CA CYS A 438 -28.08 16.54 -1.48
C CYS A 438 -29.24 15.83 -2.21
N CYS A 439 -30.14 15.24 -1.44
CA CYS A 439 -31.30 14.58 -1.98
C CYS A 439 -32.51 15.03 -1.20
N CYS A 440 -33.66 14.94 -1.82
CA CYS A 440 -34.87 15.35 -1.16
C CYS A 440 -36.14 14.56 -1.51
N GLN A 441 -36.97 14.43 -0.48
CA GLN A 441 -38.34 13.90 -0.44
C GLN A 441 -38.47 12.42 -0.12
N MET B 1 51.00 -1.06 -15.30
CA MET B 1 49.68 -0.47 -14.92
C MET B 1 48.67 -1.57 -14.61
N LYS B 2 49.14 -2.82 -14.65
CA LYS B 2 48.34 -3.99 -14.30
C LYS B 2 48.19 -4.07 -12.78
N VAL B 3 47.63 -5.18 -12.29
CA VAL B 3 47.23 -5.32 -10.88
C VAL B 3 48.38 -5.09 -9.89
N GLU B 4 49.48 -5.82 -10.05
CA GLU B 4 50.62 -5.74 -9.13
C GLU B 4 51.36 -4.40 -9.15
N GLU B 5 51.23 -3.65 -10.25
CA GLU B 5 51.78 -2.30 -10.33
C GLU B 5 50.93 -1.32 -9.52
N ILE B 6 49.61 -1.46 -9.64
CA ILE B 6 48.65 -0.64 -8.87
C ILE B 6 48.87 -0.82 -7.37
N LEU B 7 49.10 -2.07 -6.95
CA LEU B 7 49.34 -2.43 -5.55
C LEU B 7 50.62 -1.82 -4.98
N GLU B 8 51.61 -1.56 -5.85
CA GLU B 8 52.89 -1.00 -5.43
C GLU B 8 52.90 0.52 -5.30
N LYS B 9 52.13 1.20 -6.16
CA LYS B 9 51.91 2.64 -6.06
C LYS B 9 50.99 2.94 -4.87
N ALA B 10 50.23 1.93 -4.46
CA ALA B 10 49.31 2.02 -3.32
C ALA B 10 50.04 2.05 -1.98
N LEU B 11 51.23 1.45 -1.94
CA LEU B 11 52.02 1.36 -0.71
C LEU B 11 52.44 2.73 -0.19
N GLU B 12 52.75 3.66 -1.11
CA GLU B 12 53.17 5.01 -0.73
C GLU B 12 52.09 5.77 0.07
N LEU B 13 50.87 5.24 0.03
CA LEU B 13 49.72 5.86 0.69
C LEU B 13 49.38 5.19 2.02
N VAL B 14 49.78 3.92 2.19
CA VAL B 14 49.45 3.14 3.38
C VAL B 14 50.61 2.95 4.36
N ILE B 15 51.84 2.89 3.84
CA ILE B 15 53.02 2.69 4.67
C ILE B 15 53.53 4.02 5.27
N PRO B 16 53.61 4.10 6.62
CA PRO B 16 54.10 5.28 7.31
C PRO B 16 55.58 5.52 7.07
N ASP B 17 55.93 6.76 6.70
CA ASP B 17 57.32 7.13 6.47
C ASP B 17 58.12 7.12 7.78
N GLU B 18 59.42 6.85 7.68
CA GLU B 18 60.27 6.56 8.84
C GLU B 18 60.28 7.64 9.93
N GLU B 19 59.97 8.88 9.55
CA GLU B 19 59.91 10.00 10.50
C GLU B 19 58.73 9.90 11.47
N GLU B 20 57.60 9.39 11.00
CA GLU B 20 56.45 9.16 11.87
C GLU B 20 56.57 7.82 12.58
N VAL B 21 57.35 6.91 12.00
CA VAL B 21 57.73 5.64 12.63
C VAL B 21 58.65 5.92 13.84
N ARG B 22 59.56 6.88 13.66
CA ARG B 22 60.45 7.35 14.71
C ARG B 22 59.69 8.13 15.79
N LYS B 23 58.73 8.94 15.35
CA LYS B 23 57.83 9.70 16.24
C LYS B 23 57.16 8.77 17.26
N GLY B 24 56.74 7.59 16.79
CA GLY B 24 56.10 6.59 17.61
C GLY B 24 57.03 5.89 18.59
N ARG B 25 58.23 5.55 18.14
CA ARG B 25 59.18 4.81 18.97
C ARG B 25 59.64 5.59 20.22
N GLU B 26 59.84 6.89 20.07
CA GLU B 26 60.25 7.72 21.21
C GLU B 26 59.09 8.22 22.08
N ALA B 27 57.86 7.99 21.62
CA ALA B 27 56.69 8.15 22.47
C ALA B 27 56.48 6.85 23.25
N GLU B 28 56.77 5.73 22.59
CA GLU B 28 56.81 4.40 23.23
C GLU B 28 57.97 4.31 24.21
N GLU B 29 59.04 5.07 23.94
CA GLU B 29 60.18 5.18 24.86
C GLU B 29 59.72 5.86 26.14
N GLU B 30 58.98 6.96 25.97
CA GLU B 30 58.52 7.78 27.08
C GLU B 30 57.38 7.12 27.87
N LEU B 31 56.62 6.27 27.18
CA LEU B 31 55.55 5.47 27.79
C LEU B 31 56.09 4.38 28.70
N ARG B 32 57.11 3.66 28.22
CA ARG B 32 57.71 2.56 28.97
C ARG B 32 58.52 3.06 30.17
N ARG B 33 58.95 4.32 30.14
CA ARG B 33 59.66 4.94 31.25
C ARG B 33 58.68 5.31 32.36
N ARG B 34 57.59 5.94 31.97
CA ARG B 34 56.56 6.40 32.92
C ARG B 34 55.81 5.25 33.58
N LEU B 35 55.44 4.24 32.79
CA LEU B 35 54.83 3.02 33.32
C LEU B 35 55.82 2.16 34.13
N ASP B 36 57.07 2.06 33.65
CA ASP B 36 58.14 1.43 34.41
C ASP B 36 58.64 2.37 35.51
N GLU B 37 57.72 2.90 36.29
CA GLU B 37 58.03 3.83 37.37
C GLU B 37 57.02 3.66 38.49
N LEU B 38 55.78 3.38 38.13
CA LEU B 38 54.73 3.03 39.11
C LEU B 38 54.66 1.51 39.29
N GLY B 39 55.63 0.79 38.72
CA GLY B 39 55.55 -0.66 38.62
C GLY B 39 54.63 -1.00 37.47
N VAL B 40 53.35 -1.19 37.78
CA VAL B 40 52.27 -1.45 36.80
C VAL B 40 52.58 -2.60 35.83
N GLU B 41 51.73 -3.63 35.85
CA GLU B 41 51.75 -4.66 34.82
C GLU B 41 51.00 -4.13 33.59
N TYR B 42 51.70 -4.06 32.45
CA TYR B 42 51.12 -3.51 31.23
C TYR B 42 51.68 -4.20 29.99
N VAL B 43 50.88 -4.29 28.94
CA VAL B 43 51.38 -4.86 27.69
C VAL B 43 50.92 -4.08 26.45
N PHE B 44 51.90 -3.69 25.63
CA PHE B 44 51.63 -3.02 24.36
C PHE B 44 50.95 -3.99 23.42
N VAL B 45 49.77 -3.59 22.94
CA VAL B 45 48.96 -4.37 22.01
C VAL B 45 48.53 -3.52 20.81
N GLY B 46 47.56 -4.03 20.05
CA GLY B 46 47.04 -3.33 18.88
C GLY B 46 48.00 -3.28 17.71
N SER B 47 47.67 -2.40 16.76
CA SER B 47 48.37 -2.31 15.48
C SER B 47 49.78 -1.75 15.58
N TYR B 48 50.01 -0.78 16.47
CA TYR B 48 51.36 -0.27 16.69
C TYR B 48 52.30 -1.38 17.12
N ALA B 49 51.81 -2.26 17.99
CA ALA B 49 52.58 -3.37 18.54
C ALA B 49 52.79 -4.52 17.54
N ARG B 50 51.99 -4.53 16.47
CA ARG B 50 52.17 -5.51 15.38
C ARG B 50 52.84 -4.87 14.16
N ASN B 51 52.98 -3.55 14.18
CA ASN B 51 53.44 -2.76 13.03
C ASN B 51 52.48 -2.90 11.84
N THR B 52 51.19 -2.59 12.06
CA THR B 52 50.17 -2.72 11.01
C THR B 52 49.24 -1.51 10.83
N TRP B 53 49.60 -0.38 11.44
CA TRP B 53 48.80 0.85 11.32
C TRP B 53 49.06 1.57 9.99
N LEU B 54 48.13 2.43 9.59
CA LEU B 54 48.23 3.20 8.35
C LEU B 54 49.06 4.47 8.50
N LYS B 55 49.68 4.88 7.41
CA LYS B 55 50.37 6.18 7.34
C LYS B 55 49.46 7.29 7.85
N GLY B 56 49.97 8.09 8.79
CA GLY B 56 49.24 9.22 9.34
C GLY B 56 48.09 8.85 10.26
N SER B 57 48.02 7.57 10.61
CA SER B 57 46.96 7.03 11.45
C SER B 57 47.55 6.32 12.68
N LEU B 58 48.59 6.93 13.25
CA LEU B 58 49.34 6.36 14.37
C LEU B 58 48.64 6.58 15.72
N GLU B 59 48.24 5.48 16.35
CA GLU B 59 47.71 5.50 17.71
C GLU B 59 48.28 4.31 18.48
N ILE B 60 48.78 4.56 19.68
CA ILE B 60 49.35 3.49 20.51
C ILE B 60 48.33 2.93 21.50
N ASP B 61 48.40 1.61 21.70
CA ASP B 61 47.52 0.91 22.63
C ASP B 61 48.32 0.33 23.79
N VAL B 62 48.00 0.79 24.99
CA VAL B 62 48.62 0.26 26.21
C VAL B 62 47.53 -0.34 27.12
N PHE B 63 47.73 -1.59 27.50
CA PHE B 63 46.77 -2.33 28.31
C PHE B 63 47.27 -2.56 29.73
N LEU B 64 46.47 -2.16 30.72
CA LEU B 64 46.83 -2.38 32.12
C LEU B 64 46.21 -3.69 32.59
N LEU B 65 47.07 -4.58 33.07
CA LEU B 65 46.66 -5.92 33.50
C LEU B 65 46.38 -5.96 35.01
N PHE B 66 45.12 -6.21 35.34
CA PHE B 66 44.68 -6.23 36.74
C PHE B 66 44.22 -7.64 37.16
N PRO B 67 44.56 -8.03 38.41
CA PRO B 67 44.10 -9.32 38.94
C PRO B 67 42.57 -9.45 38.90
N GLU B 68 42.10 -10.68 38.73
CA GLU B 68 40.67 -10.97 38.55
C GLU B 68 39.80 -10.59 39.75
N GLU B 69 40.44 -10.40 40.90
CA GLU B 69 39.75 -10.03 42.15
C GLU B 69 39.24 -8.58 42.12
N PHE B 70 39.94 -7.71 41.40
CA PHE B 70 39.56 -6.29 41.28
C PHE B 70 38.11 -6.13 40.85
N SER B 71 37.37 -5.29 41.58
CA SER B 71 35.96 -5.05 41.25
C SER B 71 35.86 -4.28 39.94
N LYS B 72 34.63 -4.20 39.42
CA LYS B 72 34.33 -3.39 38.24
C LYS B 72 34.78 -1.93 38.47
N GLU B 73 34.51 -1.44 39.68
CA GLU B 73 34.79 -0.06 40.08
C GLU B 73 36.28 0.24 40.29
N GLU B 74 37.01 -0.69 40.89
CA GLU B 74 38.45 -0.49 41.14
C GLU B 74 39.31 -0.66 39.89
N LEU B 75 38.89 -1.53 38.98
CA LEU B 75 39.46 -1.58 37.64
C LEU B 75 39.36 -0.20 36.96
N ARG B 76 38.19 0.42 37.11
CA ARG B 76 37.93 1.75 36.58
C ARG B 76 38.80 2.82 37.26
N GLU B 77 38.62 3.01 38.57
CA GLU B 77 39.31 4.11 39.26
C GLU B 77 40.82 4.00 39.15
N ARG B 78 41.37 2.82 39.42
CA ARG B 78 42.81 2.58 39.38
C ARG B 78 43.39 2.68 37.97
N GLY B 79 42.64 2.18 37.00
CA GLY B 79 43.04 2.22 35.60
C GLY B 79 43.04 3.62 35.03
N LEU B 80 41.99 4.39 35.36
CA LEU B 80 41.89 5.79 34.93
C LEU B 80 42.99 6.64 35.57
N GLU B 81 43.30 6.36 36.84
CA GLU B 81 44.34 7.06 37.59
C GLU B 81 45.72 6.89 36.96
N ILE B 82 46.01 5.68 36.50
CA ILE B 82 47.30 5.38 35.87
C ILE B 82 47.39 6.07 34.52
N GLY B 83 46.30 6.02 33.76
CA GLY B 83 46.23 6.68 32.46
C GLY B 83 46.44 8.18 32.52
N LYS B 84 45.84 8.82 33.51
CA LYS B 84 45.95 10.27 33.66
C LYS B 84 47.38 10.71 34.02
N ALA B 85 48.01 9.92 34.88
CA ALA B 85 49.36 10.21 35.39
C ALA B 85 50.43 10.13 34.29
N VAL B 86 50.18 9.25 33.34
CA VAL B 86 51.17 8.83 32.35
C VAL B 86 51.08 9.61 31.01
N LEU B 87 50.02 10.39 30.84
CA LEU B 87 49.76 11.11 29.59
C LEU B 87 49.85 12.63 29.74
N ASP B 88 50.50 13.28 28.77
CA ASP B 88 50.68 14.75 28.75
C ASP B 88 49.35 15.49 28.78
N SER B 89 48.47 15.16 27.84
CA SER B 89 47.11 15.64 27.81
C SER B 89 46.23 14.41 27.88
N TYR B 90 44.98 14.58 28.32
CA TYR B 90 44.04 13.45 28.39
C TYR B 90 42.56 13.85 28.28
N GLU B 91 41.77 12.95 27.73
CA GLU B 91 40.32 13.04 27.68
C GLU B 91 39.74 11.74 28.17
N ILE B 92 38.63 11.81 28.90
CA ILE B 92 37.96 10.60 29.36
C ILE B 92 36.54 10.63 28.85
N ARG B 93 36.30 9.86 27.79
CA ARG B 93 34.99 9.81 27.14
C ARG B 93 34.81 8.42 26.56
N TYR B 94 33.80 7.69 27.06
CA TYR B 94 33.60 6.31 26.68
C TYR B 94 32.14 5.90 26.88
N ALA B 95 31.77 4.77 26.28
CA ALA B 95 30.37 4.33 26.23
C ALA B 95 30.04 3.35 27.36
N GLU B 96 30.98 2.46 27.64
CA GLU B 96 30.81 1.45 28.67
C GLU B 96 32.14 1.14 29.32
N HIS B 97 33.11 0.68 28.55
CA HIS B 97 34.39 0.28 29.11
C HIS B 97 35.32 1.47 29.33
N PRO B 98 35.79 1.67 30.58
CA PRO B 98 36.57 2.86 30.89
C PRO B 98 37.98 2.80 30.35
N TYR B 99 38.45 3.89 29.74
CA TYR B 99 39.86 4.01 29.33
C TYR B 99 40.27 5.49 29.29
N VAL B 100 41.55 5.74 29.01
CA VAL B 100 42.03 7.12 28.86
C VAL B 100 42.63 7.32 27.48
N HIS B 101 42.10 8.29 26.73
CA HIS B 101 42.75 8.74 25.51
C HIS B 101 43.61 9.94 25.83
N GLY B 102 44.77 10.03 25.20
CA GLY B 102 45.68 11.14 25.45
C GLY B 102 46.80 11.32 24.44
N VAL B 103 47.79 12.13 24.83
CA VAL B 103 48.93 12.49 23.98
C VAL B 103 50.22 12.35 24.77
N VAL B 104 51.23 11.75 24.13
CA VAL B 104 52.59 11.72 24.68
C VAL B 104 53.60 12.08 23.56
N LYS B 105 54.30 13.18 23.77
CA LYS B 105 55.25 13.77 22.80
C LYS B 105 54.70 13.86 21.36
N GLY B 106 53.41 14.14 21.26
CA GLY B 106 52.73 14.36 19.98
C GLY B 106 52.05 13.15 19.38
N VAL B 107 52.02 12.04 20.12
CA VAL B 107 51.42 10.79 19.64
C VAL B 107 50.17 10.43 20.45
N GLU B 108 49.09 10.10 19.73
CA GLU B 108 47.84 9.64 20.34
C GLU B 108 48.05 8.31 21.09
N VAL B 109 47.44 8.19 22.26
CA VAL B 109 47.49 6.95 23.05
C VAL B 109 46.15 6.59 23.73
N ASP B 110 45.84 5.29 23.76
CA ASP B 110 44.80 4.73 24.59
C ASP B 110 45.41 3.94 25.74
N VAL B 111 45.08 4.30 26.97
CA VAL B 111 45.46 3.49 28.13
C VAL B 111 44.20 2.77 28.65
N VAL B 112 44.21 1.44 28.53
CA VAL B 112 43.02 0.61 28.77
C VAL B 112 43.20 -0.41 29.90
N PRO B 113 42.37 -0.29 30.96
CA PRO B 113 42.42 -1.31 32.01
C PRO B 113 41.76 -2.61 31.55
N CYS B 114 42.26 -3.74 32.04
CA CYS B 114 41.63 -5.03 31.77
C CYS B 114 42.02 -6.07 32.81
N TYR B 115 41.32 -7.19 32.79
CA TYR B 115 41.60 -8.30 33.71
C TYR B 115 42.59 -9.29 33.10
N LYS B 116 43.67 -9.57 33.84
CA LYS B 116 44.68 -10.55 33.41
C LYS B 116 44.20 -11.95 33.76
N LEU B 117 43.38 -12.51 32.88
CA LEU B 117 42.81 -13.83 33.13
C LEU B 117 43.55 -14.94 32.36
N LYS B 118 43.29 -16.18 32.75
CA LYS B 118 43.72 -17.35 31.99
C LYS B 118 42.53 -17.79 31.15
N GLU B 119 42.73 -17.92 29.84
CA GLU B 119 41.65 -18.19 28.88
C GLU B 119 40.71 -17.00 28.68
N PRO B 120 40.58 -16.51 27.43
CA PRO B 120 39.66 -15.42 27.09
C PRO B 120 38.22 -15.88 26.87
N LYS B 121 37.86 -17.00 27.48
CA LYS B 121 36.48 -17.48 27.53
C LYS B 121 35.84 -17.01 28.83
N ASN B 122 34.50 -16.91 28.83
CA ASN B 122 33.74 -16.45 30.00
C ASN B 122 34.20 -15.05 30.44
N ILE B 123 34.41 -14.19 29.46
CA ILE B 123 35.02 -12.86 29.63
C ILE B 123 34.39 -11.98 30.73
N LYS B 124 35.26 -11.28 31.47
CA LYS B 124 34.88 -10.47 32.63
C LYS B 124 34.58 -9.03 32.22
N SER B 125 35.56 -8.41 31.56
CA SER B 125 35.45 -7.05 31.03
C SER B 125 35.40 -7.10 29.50
N ALA B 126 34.79 -6.09 28.89
CA ALA B 126 34.52 -6.10 27.44
C ALA B 126 35.77 -6.21 26.55
N VAL B 127 36.94 -5.91 27.11
CA VAL B 127 38.18 -5.80 26.33
C VAL B 127 39.17 -6.93 26.57
N ASP B 128 38.75 -7.94 27.32
CA ASP B 128 39.65 -8.98 27.84
C ASP B 128 40.34 -9.87 26.80
N ARG B 129 39.81 -9.94 25.58
CA ARG B 129 40.44 -10.81 24.57
C ARG B 129 41.56 -10.14 23.75
N THR B 130 41.66 -8.82 23.88
CA THR B 130 42.65 -8.00 23.16
C THR B 130 44.13 -8.36 23.33
N PRO B 131 44.61 -8.62 24.57
CA PRO B 131 46.01 -9.04 24.72
C PRO B 131 46.27 -10.42 24.13
N PHE B 132 45.25 -11.26 24.12
CA PHE B 132 45.30 -12.58 23.50
C PHE B 132 45.20 -12.50 21.98
N HIS B 133 44.49 -11.48 21.48
CA HIS B 133 44.45 -11.16 20.06
C HIS B 133 45.86 -10.92 19.56
N HIS B 134 46.64 -10.23 20.37
CA HIS B 134 48.00 -9.85 20.02
C HIS B 134 48.97 -11.03 20.07
N LYS B 135 48.75 -11.92 21.04
CA LYS B 135 49.60 -13.11 21.22
C LYS B 135 49.41 -14.12 20.09
N TRP B 136 48.24 -14.06 19.44
CA TRP B 136 47.95 -14.90 18.28
C TRP B 136 48.59 -14.33 17.02
N LEU B 137 48.52 -13.01 16.86
CA LEU B 137 49.03 -12.33 15.67
C LEU B 137 50.53 -12.08 15.67
N GLU B 138 51.15 -12.17 16.85
CA GLU B 138 52.58 -11.91 17.04
C GLU B 138 53.47 -12.23 15.84
N GLY B 139 53.63 -13.51 15.55
CA GLY B 139 54.52 -13.97 14.49
C GLY B 139 53.80 -14.18 13.18
N ARG B 140 52.52 -14.57 13.27
CA ARG B 140 51.71 -14.89 12.11
C ARG B 140 51.51 -13.72 11.15
N ILE B 141 51.66 -12.50 11.66
CA ILE B 141 51.49 -11.28 10.86
C ILE B 141 52.81 -10.71 10.30
N LYS B 142 53.94 -11.23 10.78
CA LYS B 142 55.25 -10.82 10.28
C LYS B 142 55.44 -11.17 8.81
N GLY B 143 55.97 -10.22 8.04
CA GLY B 143 56.11 -10.36 6.60
C GLY B 143 54.80 -10.24 5.85
N LYS B 144 53.73 -9.86 6.56
CA LYS B 144 52.40 -9.70 5.98
C LYS B 144 51.75 -8.38 6.39
N GLU B 145 52.49 -7.55 7.12
CA GLU B 145 51.96 -6.31 7.68
C GLU B 145 51.62 -5.24 6.62
N ASN B 146 52.30 -5.28 5.48
CA ASN B 146 52.00 -4.37 4.37
C ASN B 146 50.77 -4.78 3.59
N GLU B 147 50.48 -6.08 3.60
CA GLU B 147 49.26 -6.61 3.01
C GLU B 147 48.05 -6.20 3.85
N VAL B 148 48.27 -6.06 5.15
CA VAL B 148 47.29 -5.55 6.10
C VAL B 148 47.02 -4.07 5.83
N ARG B 149 48.09 -3.30 5.69
CA ARG B 149 47.99 -1.88 5.35
C ARG B 149 47.23 -1.64 4.04
N LEU B 150 47.55 -2.42 3.00
CA LEU B 150 46.82 -2.37 1.74
C LEU B 150 45.31 -2.55 1.93
N LEU B 151 44.93 -3.56 2.71
CA LEU B 151 43.51 -3.85 2.95
C LEU B 151 42.81 -2.76 3.75
N LYS B 152 43.48 -2.26 4.78
CA LYS B 152 42.95 -1.18 5.64
C LYS B 152 42.75 0.12 4.82
N GLY B 153 43.73 0.44 3.98
CA GLY B 153 43.69 1.62 3.13
C GLY B 153 42.59 1.55 2.08
N PHE B 154 42.36 0.34 1.57
CA PHE B 154 41.28 0.04 0.63
C PHE B 154 39.92 0.27 1.28
N LEU B 155 39.75 -0.23 2.50
CA LEU B 155 38.50 -0.05 3.25
C LEU B 155 38.27 1.38 3.69
N LYS B 156 39.34 2.02 4.17
CA LYS B 156 39.28 3.41 4.64
C LYS B 156 38.87 4.35 3.51
N ALA B 157 39.42 4.13 2.32
CA ALA B 157 39.09 4.95 1.14
C ALA B 157 37.63 4.81 0.71
N ASN B 158 37.01 3.67 0.99
CA ASN B 158 35.62 3.42 0.58
C ASN B 158 34.56 3.59 1.68
N GLY B 159 34.94 4.22 2.79
CA GLY B 159 34.02 4.56 3.87
C GLY B 159 33.54 3.40 4.72
N ILE B 160 34.32 2.31 4.71
CA ILE B 160 33.90 1.07 5.39
C ILE B 160 34.99 0.46 6.29
N TYR B 161 35.93 1.29 6.75
CA TYR B 161 36.90 0.86 7.76
C TYR B 161 36.39 1.24 9.14
N GLY B 162 36.44 0.29 10.08
CA GLY B 162 35.98 0.51 11.45
C GLY B 162 34.70 -0.22 11.82
N ALA B 163 34.73 -0.93 12.95
CA ALA B 163 33.58 -1.66 13.48
C ALA B 163 32.59 -0.79 14.29
N GLU B 164 32.99 0.46 14.59
CA GLU B 164 32.14 1.37 15.38
C GLU B 164 30.81 1.71 14.69
N TYR B 165 29.77 1.99 15.49
CA TYR B 165 28.41 2.25 14.95
C TYR B 165 28.33 3.34 13.90
N LYS B 166 29.24 4.30 13.94
CA LYS B 166 29.26 5.36 12.95
C LYS B 166 29.56 4.76 11.57
N VAL B 167 30.31 3.67 11.55
CA VAL B 167 30.75 3.03 10.31
C VAL B 167 30.08 1.68 10.05
N ARG B 168 30.10 0.77 11.03
CA ARG B 168 29.61 -0.60 10.87
C ARG B 168 30.33 -1.32 9.72
N GLY B 169 31.65 -1.18 9.68
CA GLY B 169 32.47 -1.84 8.68
C GLY B 169 33.39 -2.84 9.33
N PHE B 170 34.62 -2.92 8.81
CA PHE B 170 35.62 -3.92 9.22
C PHE B 170 36.58 -3.37 10.25
N SER B 171 36.78 -4.11 11.34
CA SER B 171 37.73 -3.68 12.37
C SER B 171 39.15 -3.98 11.90
N GLY B 172 40.11 -3.20 12.38
CA GLY B 172 41.52 -3.43 12.10
C GLY B 172 41.96 -4.85 12.40
N TYR B 173 41.49 -5.37 13.53
CA TYR B 173 41.78 -6.76 13.94
C TYR B 173 41.27 -7.77 12.90
N LEU B 174 40.05 -7.55 12.42
CA LEU B 174 39.47 -8.37 11.36
C LEU B 174 40.32 -8.36 10.08
N CYS B 175 40.87 -7.19 9.75
CA CYS B 175 41.68 -7.00 8.57
C CYS B 175 42.93 -7.87 8.62
N GLU B 176 43.48 -8.03 9.82
CA GLU B 176 44.67 -8.84 10.07
C GLU B 176 44.36 -10.33 10.03
N LEU B 177 43.20 -10.72 10.54
CA LEU B 177 42.73 -12.10 10.46
C LEU B 177 42.46 -12.52 9.02
N LEU B 178 41.97 -11.60 8.19
CA LEU B 178 41.74 -11.86 6.77
C LEU B 178 43.04 -12.07 5.99
N ILE B 179 44.03 -11.22 6.28
CA ILE B 179 45.36 -11.34 5.66
C ILE B 179 46.06 -12.60 6.14
N VAL B 180 45.88 -12.95 7.41
CA VAL B 180 46.44 -14.21 7.94
C VAL B 180 45.78 -15.40 7.23
N PHE B 181 44.47 -15.30 7.03
CA PHE B 181 43.69 -16.33 6.35
C PHE B 181 44.11 -16.53 4.88
N TYR B 182 44.02 -15.44 4.11
CA TYR B 182 44.16 -15.50 2.64
C TYR B 182 45.57 -15.27 2.12
N GLY B 183 46.43 -14.71 2.96
CA GLY B 183 47.86 -14.58 2.61
C GLY B 183 48.30 -13.23 2.09
N SER B 184 47.40 -12.54 1.39
CA SER B 184 47.71 -11.26 0.76
C SER B 184 46.43 -10.46 0.57
N PHE B 185 46.58 -9.15 0.38
CA PHE B 185 45.47 -8.26 0.02
C PHE B 185 44.76 -8.79 -1.24
N LEU B 186 45.54 -8.98 -2.31
CA LEU B 186 45.04 -9.49 -3.58
C LEU B 186 44.20 -10.77 -3.45
N GLU B 187 44.68 -11.75 -2.70
CA GLU B 187 43.93 -13.00 -2.49
C GLU B 187 42.62 -12.80 -1.73
N THR B 188 42.64 -11.87 -0.77
CA THR B 188 41.44 -11.49 -0.01
C THR B 188 40.40 -10.87 -0.95
N VAL B 189 40.83 -9.85 -1.69
CA VAL B 189 40.01 -9.17 -2.69
C VAL B 189 39.47 -10.14 -3.75
N LYS B 190 40.34 -11.05 -4.23
CA LYS B 190 39.97 -12.05 -5.23
C LYS B 190 38.88 -12.99 -4.69
N ASN B 191 39.05 -13.45 -3.46
CA ASN B 191 38.14 -14.41 -2.85
C ASN B 191 36.85 -13.80 -2.37
N ALA B 192 36.95 -12.58 -1.85
CA ALA B 192 35.80 -11.88 -1.29
C ALA B 192 34.71 -11.63 -2.33
N ARG B 193 35.08 -11.66 -3.61
CA ARG B 193 34.12 -11.57 -4.71
C ARG B 193 33.05 -12.67 -4.64
N ARG B 194 33.38 -13.77 -3.94
CA ARG B 194 32.47 -14.91 -3.81
C ARG B 194 31.83 -15.07 -2.42
N TRP B 195 32.08 -14.12 -1.53
CA TRP B 195 31.43 -14.10 -0.21
C TRP B 195 29.91 -13.92 -0.33
N THR B 196 29.16 -14.64 0.49
CA THR B 196 27.73 -14.44 0.61
C THR B 196 27.41 -13.92 2.01
N ARG B 197 26.14 -13.56 2.24
CA ARG B 197 25.67 -13.16 3.57
C ARG B 197 25.66 -14.35 4.54
N ARG B 198 26.18 -15.49 4.09
CA ARG B 198 26.12 -16.75 4.83
C ARG B 198 27.51 -17.34 5.08
N THR B 199 28.53 -16.68 4.53
CA THR B 199 29.91 -17.14 4.60
C THR B 199 30.44 -17.14 6.04
N VAL B 200 31.09 -18.25 6.41
CA VAL B 200 31.75 -18.37 7.71
C VAL B 200 33.24 -18.65 7.52
N ILE B 201 34.08 -17.75 8.05
CA ILE B 201 35.53 -17.84 7.93
C ILE B 201 36.19 -18.17 9.28
N ASP B 202 36.64 -19.42 9.40
CA ASP B 202 37.28 -19.90 10.62
C ASP B 202 38.79 -19.99 10.42
N VAL B 203 39.49 -18.96 10.87
CA VAL B 203 40.93 -18.85 10.72
C VAL B 203 41.68 -19.94 11.51
N ALA B 204 41.18 -20.26 12.69
CA ALA B 204 41.79 -21.28 13.56
C ALA B 204 41.78 -22.68 12.93
N LYS B 205 40.76 -22.96 12.13
CA LYS B 205 40.67 -24.22 11.38
C LYS B 205 41.26 -24.07 9.98
N GLY B 206 41.31 -22.84 9.49
CA GLY B 206 41.78 -22.54 8.14
C GLY B 206 40.80 -22.99 7.07
N GLU B 207 39.54 -22.56 7.18
CA GLU B 207 38.51 -22.93 6.22
C GLU B 207 37.42 -21.85 6.01
N VAL B 208 36.87 -21.82 4.80
CA VAL B 208 35.68 -21.04 4.48
C VAL B 208 34.52 -22.03 4.35
N ARG B 209 33.47 -21.82 5.13
CA ARG B 209 32.28 -22.65 5.06
C ARG B 209 31.01 -21.81 4.98
N LYS B 210 29.88 -22.47 4.75
CA LYS B 210 28.59 -21.78 4.67
C LYS B 210 27.78 -22.04 5.94
N GLY B 211 27.48 -20.97 6.66
CA GLY B 211 26.71 -21.06 7.91
C GLY B 211 25.41 -20.27 7.85
N GLU B 212 25.00 -19.73 8.99
CA GLU B 212 23.74 -19.00 9.12
C GLU B 212 23.83 -17.52 8.79
N GLU B 213 25.00 -16.94 9.01
CA GLU B 213 25.25 -15.52 8.75
C GLU B 213 26.73 -15.31 8.46
N PHE B 214 27.10 -14.09 8.10
CA PHE B 214 28.50 -13.73 7.96
C PHE B 214 29.14 -13.72 9.35
N PHE B 215 30.05 -14.67 9.56
CA PHE B 215 30.61 -14.95 10.88
C PHE B 215 32.10 -15.26 10.78
N VAL B 216 32.94 -14.26 11.04
CA VAL B 216 34.38 -14.48 11.06
C VAL B 216 34.80 -14.83 12.48
N VAL B 217 35.03 -16.12 12.71
CA VAL B 217 35.24 -16.62 14.07
C VAL B 217 36.62 -16.24 14.63
N ASP B 218 36.58 -15.63 15.82
CA ASP B 218 37.78 -15.29 16.58
C ASP B 218 38.53 -16.57 16.96
N PRO B 219 39.81 -16.69 16.56
CA PRO B 219 40.58 -17.89 16.91
C PRO B 219 40.75 -18.05 18.42
N VAL B 220 40.75 -16.94 19.16
CA VAL B 220 40.94 -17.00 20.60
C VAL B 220 39.60 -17.13 21.36
N ASP B 221 38.49 -17.03 20.61
CA ASP B 221 37.14 -17.13 21.16
C ASP B 221 36.15 -17.51 20.05
N GLU B 222 35.89 -18.81 19.90
CA GLU B 222 35.05 -19.29 18.79
C GLU B 222 33.56 -18.95 18.92
N LYS B 223 33.16 -18.43 20.08
CA LYS B 223 31.81 -17.91 20.32
C LYS B 223 31.63 -16.53 19.66
N ARG B 224 32.74 -15.81 19.52
CA ARG B 224 32.75 -14.41 19.11
C ARG B 224 32.90 -14.24 17.60
N ASN B 225 31.99 -13.46 17.01
CA ASN B 225 32.06 -13.06 15.60
C ASN B 225 32.70 -11.69 15.47
N VAL B 226 33.95 -11.69 14.98
CA VAL B 226 34.74 -10.47 14.80
C VAL B 226 34.01 -9.48 13.87
N ALA B 227 33.25 -10.03 12.92
CA ALA B 227 32.47 -9.26 11.97
C ALA B 227 31.04 -9.07 12.48
N ALA B 228 30.86 -9.11 13.80
CA ALA B 228 29.55 -8.97 14.41
C ALA B 228 28.88 -7.69 13.98
N ASN B 229 29.64 -6.59 13.94
CA ASN B 229 29.05 -5.28 13.65
C ASN B 229 29.14 -4.79 12.20
N LEU B 230 29.63 -5.63 11.30
CA LEU B 230 29.64 -5.33 9.87
C LEU B 230 28.22 -5.42 9.35
N SER B 231 27.72 -4.31 8.84
CA SER B 231 26.36 -4.31 8.32
C SER B 231 26.31 -5.13 7.04
N LEU B 232 25.22 -5.87 6.86
CA LEU B 232 24.98 -6.59 5.62
C LEU B 232 25.28 -5.69 4.41
N ASP B 233 24.78 -4.46 4.45
CA ASP B 233 24.93 -3.55 3.30
C ASP B 233 26.38 -3.17 3.01
N ASN B 234 27.19 -3.06 4.05
CA ASN B 234 28.60 -2.76 3.90
C ASN B 234 29.42 -3.99 3.47
N LEU B 235 29.01 -5.17 3.92
CA LEU B 235 29.53 -6.41 3.34
C LEU B 235 29.19 -6.42 1.85
N ALA B 236 27.92 -6.19 1.51
CA ALA B 236 27.47 -6.11 0.12
C ALA B 236 28.29 -5.12 -0.72
N ARG B 237 28.64 -3.98 -0.13
CA ARG B 237 29.39 -2.92 -0.82
C ARG B 237 30.85 -3.31 -1.05
N PHE B 238 31.45 -3.99 -0.07
CA PHE B 238 32.82 -4.53 -0.17
C PHE B 238 32.93 -5.60 -1.24
N VAL B 239 32.00 -6.57 -1.21
CA VAL B 239 31.97 -7.67 -2.19
C VAL B 239 31.89 -7.13 -3.62
N HIS B 240 31.00 -6.17 -3.83
CA HIS B 240 30.86 -5.51 -5.11
C HIS B 240 32.14 -4.74 -5.46
N LEU B 241 32.70 -4.04 -4.46
CA LEU B 241 33.93 -3.27 -4.63
C LEU B 241 35.07 -4.16 -5.13
N CYS B 242 35.18 -5.33 -4.52
CA CYS B 242 36.16 -6.34 -4.91
C CYS B 242 35.99 -6.79 -6.35
N ARG B 243 34.74 -6.98 -6.78
CA ARG B 243 34.41 -7.36 -8.16
C ARG B 243 34.76 -6.25 -9.14
N GLU B 244 34.52 -5.02 -8.73
CA GLU B 244 34.84 -3.84 -9.53
C GLU B 244 36.36 -3.65 -9.70
N PHE B 245 37.10 -3.84 -8.62
CA PHE B 245 38.56 -3.69 -8.63
C PHE B 245 39.25 -4.76 -9.49
N MET B 246 38.80 -6.00 -9.39
CA MET B 246 39.38 -7.11 -10.16
C MET B 246 39.01 -7.04 -11.64
N GLU B 247 37.85 -6.46 -11.94
CA GLU B 247 37.42 -6.26 -13.31
C GLU B 247 38.24 -5.16 -13.97
N ALA B 248 38.58 -4.14 -13.19
CA ALA B 248 39.40 -3.02 -13.66
C ALA B 248 40.11 -2.31 -12.50
N PRO B 249 41.34 -2.75 -12.17
CA PRO B 249 42.09 -2.20 -11.03
C PRO B 249 42.52 -0.75 -11.24
N SER B 250 42.42 0.05 -10.19
CA SER B 250 42.81 1.45 -10.24
C SER B 250 43.35 1.92 -8.88
N LEU B 251 44.24 2.91 -8.92
CA LEU B 251 44.76 3.56 -7.72
C LEU B 251 43.68 4.40 -7.04
N GLY B 252 42.64 4.73 -7.80
CA GLY B 252 41.49 5.51 -7.31
C GLY B 252 40.73 4.80 -6.20
N PHE B 253 40.86 3.49 -6.13
CA PHE B 253 40.23 2.68 -5.08
C PHE B 253 40.88 2.90 -3.72
N PHE B 254 42.05 3.55 -3.71
CA PHE B 254 42.82 3.79 -2.48
C PHE B 254 42.83 5.26 -2.05
N LYS B 255 42.32 6.15 -2.90
CA LYS B 255 42.14 7.55 -2.56
C LYS B 255 40.71 7.83 -2.11
N PRO B 256 40.54 8.64 -1.05
CA PRO B 256 39.20 9.02 -0.57
C PRO B 256 38.46 9.83 -1.61
N LYS B 257 37.22 9.43 -1.92
CA LYS B 257 36.40 10.11 -2.92
C LYS B 257 36.23 11.58 -2.54
N HIS B 258 36.39 12.45 -3.54
CA HIS B 258 36.28 13.91 -3.35
C HIS B 258 35.00 14.30 -2.59
N PRO B 259 35.07 15.40 -1.81
CA PRO B 259 33.86 15.90 -1.14
C PRO B 259 32.76 16.32 -2.13
N LEU B 260 33.20 16.78 -3.31
CA LEU B 260 32.33 17.25 -4.41
C LEU B 260 31.19 18.19 -3.98
N GLU B 261 31.51 19.48 -3.87
CA GLU B 261 30.57 20.50 -3.38
C GLU B 261 29.44 20.80 -4.36
N ILE B 262 28.20 20.69 -3.85
CA ILE B 262 27.01 21.06 -4.60
C ILE B 262 26.30 22.25 -3.93
N GLU B 263 26.11 23.32 -4.69
CA GLU B 263 25.45 24.52 -4.18
C GLU B 263 23.94 24.31 -4.05
N PRO B 264 23.32 24.98 -3.06
CA PRO B 264 21.88 24.96 -2.83
C PRO B 264 21.03 24.92 -4.12
N GLU B 265 21.42 25.68 -5.14
CA GLU B 265 20.58 25.82 -6.34
C GLU B 265 20.54 24.58 -7.24
N ARG B 266 21.66 23.88 -7.40
CA ARG B 266 21.69 22.65 -8.22
C ARG B 266 20.92 21.53 -7.53
N LEU B 267 21.12 21.40 -6.22
CA LEU B 267 20.37 20.49 -5.37
C LEU B 267 18.86 20.77 -5.47
N ARG B 268 18.49 22.05 -5.38
CA ARG B 268 17.10 22.49 -5.53
C ARG B 268 16.49 22.04 -6.85
N LYS B 269 17.24 22.24 -7.93
CA LYS B 269 16.88 21.83 -9.28
C LYS B 269 16.59 20.32 -9.37
N ILE B 270 17.48 19.51 -8.78
CA ILE B 270 17.37 18.05 -8.79
C ILE B 270 16.14 17.55 -8.05
N VAL B 271 15.88 18.13 -6.87
CA VAL B 271 14.69 17.80 -6.08
C VAL B 271 13.43 18.13 -6.88
N GLU B 272 13.44 19.29 -7.53
CA GLU B 272 12.33 19.70 -8.38
C GLU B 272 12.14 18.72 -9.56
N GLU B 273 13.24 18.25 -10.14
CA GLU B 273 13.20 17.26 -11.23
C GLU B 273 12.65 15.91 -10.76
N ARG B 274 13.08 15.48 -9.57
CA ARG B 274 12.54 14.27 -8.94
C ARG B 274 11.04 14.38 -8.60
N GLY B 275 10.60 15.59 -8.27
CA GLY B 275 9.21 15.85 -7.94
C GLY B 275 8.80 15.37 -6.56
N THR B 276 9.78 15.11 -5.69
CA THR B 276 9.59 14.56 -4.33
C THR B 276 9.49 15.64 -3.23
N ALA B 277 8.98 15.26 -2.06
CA ALA B 277 9.03 16.08 -0.86
C ALA B 277 10.33 15.70 -0.14
N VAL B 278 11.22 16.66 0.01
CA VAL B 278 12.52 16.45 0.68
C VAL B 278 12.56 17.40 1.86
N PHE B 279 12.73 16.84 3.05
CA PHE B 279 12.74 17.65 4.27
C PHE B 279 13.56 16.97 5.35
N ALA B 280 13.88 17.76 6.38
CA ALA B 280 14.64 17.25 7.55
C ALA B 280 14.00 17.62 8.89
N VAL B 281 14.21 16.77 9.88
CA VAL B 281 13.96 17.11 11.28
C VAL B 281 15.29 17.52 11.87
N LYS B 282 15.39 18.78 12.30
CA LYS B 282 16.63 19.32 12.86
C LYS B 282 16.44 19.52 14.36
N PHE B 283 17.42 19.09 15.15
CA PHE B 283 17.36 19.31 16.59
C PHE B 283 18.77 19.40 17.16
N ARG B 284 18.90 19.88 18.41
CA ARG B 284 20.21 19.96 19.05
C ARG B 284 20.78 18.59 19.29
N LYS B 285 22.06 18.45 19.00
CA LYS B 285 22.75 17.17 19.15
C LYS B 285 22.96 16.87 20.62
N PRO B 286 22.47 15.70 21.09
CA PRO B 286 22.76 15.25 22.46
C PRO B 286 24.26 15.14 22.73
N ASP B 287 24.71 15.71 23.84
CA ASP B 287 26.13 15.67 24.19
C ASP B 287 26.50 14.27 24.68
N ILE B 288 26.46 13.31 23.75
CA ILE B 288 26.82 11.90 24.01
C ILE B 288 27.86 11.38 23.00
N VAL B 289 28.59 10.35 23.37
CA VAL B 289 29.57 9.72 22.46
C VAL B 289 28.88 9.20 21.19
N ASP B 290 29.66 9.06 20.11
CA ASP B 290 29.16 8.58 18.81
C ASP B 290 28.48 7.22 18.89
N ASP B 291 29.04 6.33 19.70
CA ASP B 291 28.59 4.95 19.76
C ASP B 291 27.26 4.81 20.51
N ASN B 292 26.86 5.89 21.19
CA ASN B 292 25.54 6.02 21.78
C ASN B 292 24.63 6.77 20.82
N LEU B 293 25.16 7.80 20.17
CA LEU B 293 24.37 8.67 19.29
C LEU B 293 23.87 7.97 18.02
N TYR B 294 24.79 7.36 17.28
CA TYR B 294 24.44 6.84 15.96
C TYR B 294 23.33 5.76 15.94
N PRO B 295 23.37 4.77 16.86
CA PRO B 295 22.21 3.85 16.95
C PRO B 295 20.88 4.52 17.27
N GLN B 296 20.91 5.62 18.00
CA GLN B 296 19.67 6.37 18.29
C GLN B 296 19.17 7.13 17.06
N LEU B 297 20.08 7.70 16.27
CA LEU B 297 19.73 8.38 15.00
C LEU B 297 19.11 7.41 13.99
N GLU B 298 19.71 6.23 13.86
CA GLU B 298 19.16 5.09 13.11
C GLU B 298 17.73 4.75 13.54
N ARG B 299 17.50 4.64 14.85
CA ARG B 299 16.18 4.31 15.41
C ARG B 299 15.18 5.41 15.13
N ALA B 300 15.53 6.66 15.47
CA ALA B 300 14.68 7.83 15.19
C ALA B 300 14.28 7.88 13.71
N SER B 301 15.26 7.75 12.81
CA SER B 301 15.02 7.70 11.35
C SER B 301 14.02 6.63 10.93
N ARG B 302 14.23 5.41 11.43
CA ARG B 302 13.40 4.25 11.11
C ARG B 302 11.97 4.45 11.60
N LYS B 303 11.83 4.91 12.84
CA LYS B 303 10.51 5.09 13.45
C LYS B 303 9.69 6.12 12.67
N ILE B 304 10.36 7.19 12.24
CA ILE B 304 9.71 8.19 11.41
C ILE B 304 9.46 7.70 9.99
N PHE B 305 10.42 6.96 9.43
CA PHE B 305 10.22 6.36 8.10
C PHE B 305 8.99 5.43 8.11
N GLU B 306 8.86 4.66 9.18
CA GLU B 306 7.71 3.74 9.32
C GLU B 306 6.40 4.50 9.50
N PHE B 307 6.44 5.61 10.23
CA PHE B 307 5.29 6.52 10.29
C PHE B 307 4.88 6.98 8.88
N LEU B 308 5.87 7.41 8.09
CA LEU B 308 5.59 7.96 6.75
C LEU B 308 5.00 6.90 5.83
N GLU B 309 5.49 5.66 5.96
CA GLU B 309 4.96 4.52 5.22
C GLU B 309 3.48 4.29 5.50
N ARG B 310 3.13 4.13 6.79
CA ARG B 310 1.76 3.81 7.14
C ARG B 310 0.83 5.01 6.93
N GLU B 311 1.38 6.21 6.82
CA GLU B 311 0.56 7.38 6.50
C GLU B 311 0.45 7.65 5.00
N ASN B 312 0.95 6.71 4.18
CA ASN B 312 0.80 6.77 2.72
C ASN B 312 1.53 7.95 2.04
N PHE B 313 2.67 8.34 2.63
CA PHE B 313 3.51 9.38 2.04
C PHE B 313 4.59 8.80 1.13
N MET B 314 4.63 7.48 1.10
CA MET B 314 5.50 6.72 0.20
C MET B 314 6.96 7.16 0.30
N PRO B 315 7.54 6.98 1.49
CA PRO B 315 8.93 7.41 1.62
C PRO B 315 9.86 6.55 0.74
N LEU B 316 10.88 7.18 0.15
CA LEU B 316 11.85 6.47 -0.69
C LEU B 316 13.04 5.99 0.14
N ARG B 317 13.74 6.95 0.75
CA ARG B 317 14.94 6.67 1.53
C ARG B 317 15.04 7.65 2.68
N SER B 318 15.88 7.32 3.66
CA SER B 318 16.22 8.25 4.71
C SER B 318 17.73 8.29 4.91
N ALA B 319 18.17 9.34 5.59
CA ALA B 319 19.55 9.48 6.00
C ALA B 319 19.62 10.34 7.25
N PHE B 320 20.79 10.44 7.85
CA PHE B 320 20.95 11.33 8.99
C PHE B 320 22.34 11.95 9.00
N LYS B 321 22.47 13.07 9.69
CA LYS B 321 23.73 13.77 9.81
C LYS B 321 23.85 14.34 11.21
N ALA B 322 24.99 14.08 11.85
CA ALA B 322 25.35 14.75 13.10
C ALA B 322 26.42 15.81 12.85
N SER B 323 26.06 17.08 13.09
CA SER B 323 27.03 18.19 13.13
C SER B 323 27.58 18.39 14.53
N GLU B 324 28.32 19.49 14.73
CA GLU B 324 28.76 19.91 16.06
C GLU B 324 27.59 20.29 16.97
N GLU B 325 26.65 21.07 16.46
CA GLU B 325 25.54 21.58 17.27
C GLU B 325 24.22 20.83 17.06
N PHE B 326 24.00 20.34 15.84
CA PHE B 326 22.69 19.81 15.44
C PHE B 326 22.75 18.43 14.82
N CYS B 327 21.62 17.75 14.88
CA CYS B 327 21.40 16.51 14.18
C CYS B 327 20.30 16.74 13.17
N TYR B 328 20.35 16.00 12.07
CA TYR B 328 19.36 16.09 11.00
C TYR B 328 18.89 14.70 10.62
N LEU B 329 17.58 14.52 10.60
CA LEU B 329 16.95 13.31 10.11
C LEU B 329 16.33 13.67 8.76
N LEU B 330 16.87 13.08 7.70
CA LEU B 330 16.55 13.48 6.33
C LEU B 330 15.59 12.49 5.68
N PHE B 331 14.59 13.00 4.97
CA PHE B 331 13.60 12.15 4.32
C PHE B 331 13.25 12.62 2.91
N GLU B 332 13.05 11.64 2.02
CA GLU B 332 12.46 11.89 0.70
C GLU B 332 11.18 11.07 0.47
N CYS B 333 10.09 11.73 0.08
CA CYS B 333 8.78 11.06 -0.08
C CYS B 333 8.20 11.31 -1.45
N GLN B 334 7.51 10.31 -1.99
CA GLN B 334 6.93 10.43 -3.32
C GLN B 334 5.71 11.35 -3.30
N ILE B 335 5.14 11.56 -2.12
CA ILE B 335 3.90 12.35 -1.98
C ILE B 335 4.18 13.65 -1.23
N LYS B 336 4.00 14.76 -1.92
CA LYS B 336 4.23 16.09 -1.38
C LYS B 336 2.98 16.53 -0.60
N GLU B 337 1.83 16.08 -1.08
CA GLU B 337 0.56 16.43 -0.52
C GLU B 337 -0.44 15.31 -0.76
N ILE B 338 -1.14 14.92 0.30
CA ILE B 338 -2.24 13.94 0.20
C ILE B 338 -3.59 14.62 0.45
N SER B 339 -4.68 14.00 0.00
CA SER B 339 -6.01 14.51 0.24
C SER B 339 -6.31 14.56 1.73
N ARG B 340 -7.25 15.42 2.10
CA ARG B 340 -7.74 15.46 3.48
C ARG B 340 -8.65 14.24 3.71
N VAL B 341 -9.52 13.92 2.75
CA VAL B 341 -10.40 12.76 2.93
C VAL B 341 -9.66 11.44 2.72
N PHE B 342 -10.01 10.44 3.52
CA PHE B 342 -9.54 9.07 3.31
C PHE B 342 -10.62 8.05 3.66
N ARG B 343 -10.34 6.78 3.38
CA ARG B 343 -11.28 5.71 3.68
C ARG B 343 -10.84 4.90 4.88
N ARG B 344 -11.79 4.57 5.74
CA ARG B 344 -11.53 3.73 6.90
C ARG B 344 -12.53 2.55 6.86
N MET B 345 -12.01 1.34 7.00
CA MET B 345 -12.80 0.11 6.89
C MET B 345 -13.67 -0.11 8.13
N GLY B 346 -14.95 -0.36 7.92
CA GLY B 346 -15.86 -0.73 8.99
C GLY B 346 -16.27 -2.20 8.91
N PRO B 347 -17.30 -2.58 9.67
CA PRO B 347 -17.67 -3.98 9.82
C PRO B 347 -18.47 -4.54 8.64
N GLN B 348 -18.47 -5.87 8.52
CA GLN B 348 -19.38 -6.58 7.63
C GLN B 348 -20.83 -6.22 7.93
N PHE B 349 -21.64 -6.10 6.87
CA PHE B 349 -23.03 -5.64 7.02
C PHE B 349 -23.90 -6.46 7.97
N GLU B 350 -23.57 -7.75 8.15
CA GLU B 350 -24.37 -8.65 9.00
C GLU B 350 -24.28 -8.30 10.50
N ASP B 351 -23.16 -7.70 10.92
N ASP B 351 -23.17 -7.68 10.90
CA ASP B 351 -22.89 -7.46 12.34
CA ASP B 351 -22.86 -7.38 12.29
C ASP B 351 -23.62 -6.22 12.87
C ASP B 351 -23.64 -6.17 12.78
N GLU B 352 -24.92 -6.37 13.09
CA GLU B 352 -25.84 -5.27 13.45
C GLU B 352 -25.28 -4.28 14.50
N ARG B 353 -24.78 -4.82 15.61
CA ARG B 353 -24.31 -4.02 16.74
C ARG B 353 -23.07 -3.19 16.36
N ASN B 354 -22.14 -3.78 15.61
CA ASN B 354 -20.93 -3.05 15.22
C ASN B 354 -21.15 -2.03 14.14
N VAL B 355 -22.05 -2.34 13.21
CA VAL B 355 -22.49 -1.39 12.21
C VAL B 355 -23.12 -0.17 12.90
N LYS B 356 -24.06 -0.41 13.81
CA LYS B 356 -24.68 0.65 14.59
C LYS B 356 -23.66 1.57 15.26
N LYS B 357 -22.70 0.97 15.96
CA LYS B 357 -21.63 1.74 16.60
C LYS B 357 -20.74 2.47 15.57
N PHE B 358 -20.41 1.78 14.46
CA PHE B 358 -19.63 2.39 13.37
C PHE B 358 -20.36 3.60 12.81
N LEU B 359 -21.67 3.46 12.60
CA LEU B 359 -22.47 4.55 12.04
C LEU B 359 -22.82 5.68 13.02
N SER B 360 -22.65 5.44 14.32
CA SER B 360 -22.97 6.43 15.35
C SER B 360 -21.96 7.57 15.40
N ARG B 361 -20.77 7.35 14.83
CA ARG B 361 -19.70 8.35 14.85
C ARG B 361 -20.08 9.57 14.02
N ASN B 362 -19.67 10.73 14.51
CA ASN B 362 -19.87 11.99 13.82
C ASN B 362 -18.76 12.20 12.80
N ARG B 363 -19.14 12.31 11.52
CA ARG B 363 -18.18 12.48 10.42
C ARG B 363 -18.69 13.54 9.44
N ALA B 364 -17.81 14.02 8.56
CA ALA B 364 -18.17 15.07 7.62
C ALA B 364 -18.97 14.55 6.41
N PHE B 365 -18.80 13.26 6.11
CA PHE B 365 -19.44 12.67 4.94
C PHE B 365 -20.14 11.36 5.31
N ARG B 366 -21.05 10.93 4.44
CA ARG B 366 -21.84 9.74 4.71
C ARG B 366 -21.05 8.46 4.46
N PRO B 367 -21.05 7.54 5.44
CA PRO B 367 -20.46 6.20 5.19
C PRO B 367 -21.22 5.44 4.08
N PHE B 368 -20.58 4.41 3.53
CA PHE B 368 -21.11 3.68 2.38
C PHE B 368 -20.79 2.19 2.49
N ILE B 369 -21.53 1.39 1.75
CA ILE B 369 -21.31 -0.05 1.65
C ILE B 369 -20.51 -0.33 0.38
N GLU B 370 -19.51 -1.19 0.51
CA GLU B 370 -18.70 -1.66 -0.61
C GLU B 370 -18.26 -3.09 -0.37
N ASN B 371 -18.61 -3.96 -1.31
CA ASN B 371 -18.33 -5.40 -1.22
C ASN B 371 -18.69 -6.03 0.14
N GLY B 372 -19.92 -5.77 0.59
CA GLY B 372 -20.46 -6.40 1.78
C GLY B 372 -20.02 -5.79 3.10
N ARG B 373 -19.16 -4.78 3.05
CA ARG B 373 -18.81 -4.09 4.27
C ARG B 373 -18.99 -2.59 4.26
N TRP B 374 -19.20 -2.04 5.44
CA TRP B 374 -19.28 -0.61 5.62
C TRP B 374 -17.89 0.02 5.57
N TRP B 375 -17.84 1.22 5.00
CA TRP B 375 -16.64 2.05 4.96
C TRP B 375 -16.99 3.49 5.36
N ALA B 376 -16.08 4.17 6.05
CA ALA B 376 -16.26 5.61 6.29
C ALA B 376 -15.23 6.48 5.58
N PHE B 377 -15.70 7.61 5.05
CA PHE B 377 -14.83 8.73 4.74
C PHE B 377 -14.51 9.43 6.06
N GLU B 378 -13.23 9.69 6.27
CA GLU B 378 -12.71 10.28 7.49
C GLU B 378 -11.83 11.44 7.02
N MET B 379 -11.46 12.34 7.92
CA MET B 379 -10.68 13.52 7.53
C MET B 379 -9.35 13.56 8.26
N ARG B 380 -8.26 13.70 7.49
CA ARG B 380 -6.91 13.74 8.06
C ARG B 380 -6.67 15.02 8.87
N LYS B 381 -5.78 14.93 9.83
CA LYS B 381 -5.32 16.10 10.59
C LYS B 381 -4.14 16.83 9.92
N PHE B 382 -3.49 16.17 8.97
CA PHE B 382 -2.36 16.76 8.25
C PHE B 382 -2.40 16.25 6.82
N THR B 383 -1.89 17.05 5.88
CA THR B 383 -1.99 16.67 4.47
C THR B 383 -0.64 16.62 3.76
N THR B 384 0.41 16.93 4.51
CA THR B 384 1.75 16.93 3.97
C THR B 384 2.63 16.08 4.89
N PRO B 385 3.67 15.46 4.31
CA PRO B 385 4.61 14.69 5.12
C PRO B 385 5.37 15.52 6.18
N GLU B 386 5.65 16.78 5.89
CA GLU B 386 6.24 17.68 6.89
C GLU B 386 5.34 17.89 8.12
N GLU B 387 4.06 18.18 7.88
CA GLU B 387 3.15 18.37 9.01
C GLU B 387 2.84 17.06 9.72
N GLY B 388 2.83 15.95 8.96
CA GLY B 388 2.63 14.62 9.54
C GLY B 388 3.75 14.28 10.52
N VAL B 389 4.99 14.48 10.07
CA VAL B 389 6.19 14.26 10.91
C VAL B 389 6.25 15.24 12.12
N ARG B 390 5.91 16.51 11.90
CA ARG B 390 5.78 17.44 13.02
C ARG B 390 4.90 16.87 14.14
N SER B 391 3.75 16.31 13.77
CA SER B 391 2.80 15.74 14.71
C SER B 391 3.38 14.48 15.35
N TYR B 392 3.93 13.60 14.51
CA TYR B 392 4.51 12.37 14.99
C TYR B 392 5.66 12.60 16.01
N ALA B 393 6.63 13.45 15.66
CA ALA B 393 7.77 13.75 16.54
C ALA B 393 7.39 14.44 17.85
N SER B 394 6.31 15.23 17.83
CA SER B 394 5.83 15.88 19.05
C SER B 394 5.20 14.89 20.00
N THR B 395 4.58 13.86 19.42
CA THR B 395 3.71 12.96 20.14
C THR B 395 4.49 11.69 20.55
N HIS B 396 5.47 11.30 19.71
CA HIS B 396 6.22 10.07 19.91
C HIS B 396 7.71 10.28 20.15
N TRP B 397 8.07 11.47 20.61
CA TRP B 397 9.48 11.80 20.96
C TRP B 397 10.14 10.67 21.78
N HIS B 398 9.35 10.08 22.67
CA HIS B 398 9.85 9.07 23.62
C HIS B 398 10.33 7.78 22.96
N THR B 399 9.80 7.48 21.77
CA THR B 399 10.20 6.26 21.06
C THR B 399 11.41 6.46 20.11
N LEU B 400 12.03 7.65 20.13
CA LEU B 400 13.07 8.01 19.15
C LEU B 400 14.51 7.93 19.66
N GLY B 401 14.77 7.03 20.60
CA GLY B 401 16.07 6.96 21.26
C GLY B 401 16.03 7.74 22.57
N LYS B 402 16.79 7.27 23.56
CA LYS B 402 16.81 7.90 24.88
C LYS B 402 17.17 9.39 24.82
N ASN B 403 18.33 9.71 24.26
CA ASN B 403 18.78 11.10 24.27
C ASN B 403 18.29 11.88 23.08
N VAL B 404 18.27 11.24 21.93
CA VAL B 404 17.73 11.84 20.71
C VAL B 404 16.28 12.24 20.92
N GLY B 405 15.50 11.34 21.52
CA GLY B 405 14.10 11.60 21.83
C GLY B 405 13.93 12.75 22.82
N GLU B 406 14.76 12.75 23.86
CA GLU B 406 14.73 13.83 24.85
C GLU B 406 15.01 15.20 24.21
N SER B 407 15.97 15.24 23.28
CA SER B 407 16.29 16.49 22.60
C SER B 407 15.16 16.99 21.72
N ILE B 408 14.50 16.05 21.03
CA ILE B 408 13.37 16.35 20.16
C ILE B 408 12.20 16.89 20.98
N ARG B 409 11.98 16.31 22.16
CA ARG B 409 10.96 16.77 23.10
C ARG B 409 11.07 18.27 23.39
N GLU B 410 12.27 18.75 23.69
CA GLU B 410 12.45 20.17 24.02
C GLU B 410 12.34 21.10 22.82
N TYR B 411 12.87 20.68 21.66
CA TYR B 411 12.76 21.47 20.42
C TYR B 411 13.20 20.69 19.19
N PHE B 412 12.50 20.90 18.10
CA PHE B 412 12.96 20.46 16.80
C PHE B 412 12.32 21.38 15.81
N GLU B 413 12.84 21.38 14.59
CA GLU B 413 12.11 21.97 13.48
C GLU B 413 12.07 21.08 12.25
N ILE B 414 11.03 21.28 11.44
CA ILE B 414 10.96 20.64 10.13
C ILE B 414 11.43 21.69 9.12
N ILE B 415 12.41 21.32 8.31
CA ILE B 415 13.00 22.24 7.34
C ILE B 415 13.04 21.65 5.92
N SER B 416 12.71 22.47 4.93
CA SER B 416 12.74 22.09 3.52
C SER B 416 13.14 23.28 2.64
N GLY B 417 13.48 23.01 1.38
CA GLY B 417 13.80 24.05 0.40
C GLY B 417 15.13 24.74 0.64
N GLU B 418 15.25 25.98 0.19
CA GLU B 418 16.50 26.74 0.28
C GLU B 418 17.10 26.63 1.68
N LYS B 419 16.24 26.62 2.69
CA LYS B 419 16.68 26.61 4.09
C LYS B 419 17.40 25.31 4.43
N LEU B 420 16.84 24.19 3.98
CA LEU B 420 17.44 22.88 4.15
C LEU B 420 18.75 22.76 3.39
N PHE B 421 18.79 23.31 2.19
CA PHE B 421 19.97 23.26 1.32
C PHE B 421 21.14 24.11 1.85
N LYS B 422 20.84 25.06 2.76
CA LYS B 422 21.88 25.83 3.44
C LYS B 422 22.58 24.99 4.52
N GLU B 423 21.88 23.99 5.04
CA GLU B 423 22.40 23.17 6.13
C GLU B 423 23.52 22.24 5.63
N PRO B 424 24.39 21.77 6.55
CA PRO B 424 25.51 20.93 6.13
C PRO B 424 25.09 19.45 5.92
N VAL B 425 24.10 19.26 5.06
CA VAL B 425 23.53 17.94 4.82
C VAL B 425 23.61 17.54 3.35
N THR B 426 24.31 18.36 2.56
CA THR B 426 24.32 18.20 1.10
C THR B 426 24.92 16.86 0.65
N ALA B 427 26.00 16.44 1.30
CA ALA B 427 26.60 15.12 1.07
C ALA B 427 25.55 14.00 1.21
N GLU B 428 24.81 14.03 2.31
CA GLU B 428 23.83 13.00 2.66
C GLU B 428 22.64 13.01 1.72
N LEU B 429 22.19 14.19 1.30
CA LEU B 429 21.10 14.29 0.33
C LEU B 429 21.51 13.74 -1.03
N CYS B 430 22.73 14.04 -1.47
CA CYS B 430 23.27 13.53 -2.73
C CYS B 430 23.39 12.02 -2.72
N GLU B 431 23.90 11.48 -1.63
CA GLU B 431 23.99 10.03 -1.43
C GLU B 431 22.60 9.37 -1.44
N MET B 432 21.68 9.97 -0.69
CA MET B 432 20.31 9.51 -0.56
C MET B 432 19.63 9.45 -1.93
N MET B 433 19.82 10.50 -2.73
CA MET B 433 19.14 10.62 -4.01
C MET B 433 19.87 9.96 -5.18
N GLY B 434 21.06 9.44 -4.92
CA GLY B 434 21.90 8.85 -5.96
C GLY B 434 22.34 9.86 -7.00
N VAL B 435 22.67 11.07 -6.55
CA VAL B 435 23.10 12.15 -7.43
C VAL B 435 24.49 11.84 -8.00
N LYS B 436 24.65 12.05 -9.29
CA LYS B 436 25.90 11.79 -10.00
C LYS B 436 26.73 13.05 -10.24
N ASP B 437 27.96 12.84 -10.72
CA ASP B 437 28.87 13.88 -11.23
C ASP B 437 30.07 13.99 -10.30
PG ATP E . -43.84 -5.57 -12.09
O1G ATP E . -44.53 -5.19 -10.78
O2G ATP E . -42.41 -5.07 -12.17
O3G ATP E . -44.65 -5.33 -13.33
PB ATP E . -43.65 -8.36 -13.04
O1B ATP E . -43.29 -9.56 -12.20
O2B ATP E . -44.85 -8.35 -13.93
O3B ATP E . -43.68 -7.18 -11.93
PA ATP E . -41.94 -8.41 -15.42
O1A ATP E . -43.04 -7.98 -16.38
O2A ATP E . -40.53 -8.00 -15.75
O3A ATP E . -42.32 -7.92 -13.92
O5' ATP E . -41.88 -10.02 -15.28
C5' ATP E . -42.90 -10.86 -15.80
C4' ATP E . -42.78 -12.25 -15.18
O4' ATP E . -41.64 -12.88 -15.75
C3' ATP E . -42.58 -12.28 -13.68
O3' ATP E . -43.78 -12.48 -12.93
C2' ATP E . -41.57 -13.40 -13.44
O2' ATP E . -42.17 -14.70 -13.32
C1' ATP E . -40.81 -13.44 -14.74
N9 ATP E . -39.49 -12.74 -14.63
C8 ATP E . -39.08 -11.66 -15.31
N7 ATP E . -37.81 -11.31 -14.96
C5 ATP E . -37.38 -12.19 -14.03
C6 ATP E . -36.16 -12.41 -13.21
N6 ATP E . -35.05 -11.62 -13.33
N1 ATP E . -36.17 -13.45 -12.34
C2 ATP E . -37.24 -14.27 -12.19
N3 ATP E . -38.38 -14.11 -12.90
C4 ATP E . -38.51 -13.12 -13.82
S SO4 F . -10.05 -8.87 -16.04
O1 SO4 F . -9.32 -10.13 -15.86
O2 SO4 F . -9.63 -8.25 -17.32
O3 SO4 F . -11.49 -9.10 -16.08
O4 SO4 F . -9.75 -7.96 -14.91
C1 EDO G . -13.12 1.19 -32.42
O1 EDO G . -14.18 2.05 -32.85
C2 EDO G . -13.16 -0.12 -33.20
O2 EDO G . -11.97 -0.89 -32.97
C1 EDO H . -48.55 -19.79 -30.95
O1 EDO H . -49.88 -19.69 -31.46
C2 EDO H . -48.18 -18.54 -30.19
O2 EDO H . -49.26 -17.94 -29.49
C1 EDO I . -27.69 13.62 5.30
O1 EDO I . -27.40 13.10 4.00
C2 EDO I . -28.21 12.49 6.18
O2 EDO I . -27.10 11.68 6.56
C1 EDO J . -9.84 -6.10 -27.59
O1 EDO J . -10.67 -5.53 -28.61
C2 EDO J . -10.42 -7.42 -27.15
O2 EDO J . -9.76 -7.74 -25.91
MG MG K . -45.32 -5.95 -15.92
PG ATP L . 44.28 0.92 13.88
O1G ATP L . 44.99 0.88 12.56
O2G ATP L . 42.80 1.23 13.78
O3G ATP L . 45.00 1.73 14.94
PB ATP L . 43.97 -1.04 15.97
O1B ATP L . 43.66 -2.52 15.94
O2B ATP L . 45.06 -0.56 16.90
O3B ATP L . 44.32 -0.60 14.45
PA ATP L . 41.97 -0.31 17.85
O1A ATP L . 42.89 0.54 18.70
O2A ATP L . 40.50 0.05 17.76
O3A ATP L . 42.59 -0.30 16.35
O5' ATP L . 42.05 -1.84 18.33
C5' ATP L . 42.97 -2.27 19.33
C4' ATP L . 42.93 -3.77 19.57
O4' ATP L . 41.84 -4.12 20.44
C3' ATP L . 42.77 -4.61 18.30
O3' ATP L . 44.01 -5.16 17.89
C2' ATP L . 41.79 -5.70 18.68
O2' ATP L . 42.48 -6.89 19.08
C1' ATP L . 41.02 -5.15 19.87
N9 ATP L . 39.73 -4.58 19.42
C8 ATP L . 39.38 -3.28 19.44
N7 ATP L . 38.13 -3.07 18.94
C5 ATP L . 37.65 -4.28 18.59
C6 ATP L . 36.38 -4.80 17.99
N6 ATP L . 35.37 -3.96 17.69
N1 ATP L . 36.29 -6.14 17.79
C2 ATP L . 37.30 -6.99 18.10
N3 ATP L . 38.46 -6.59 18.63
C4 ATP L . 38.70 -5.28 18.91
P1 POP M . 43.79 0.02 13.95
O1 POP M . 44.57 -0.37 12.72
O2 POP M . 44.09 1.47 14.26
O3 POP M . 42.31 -0.14 13.68
O POP M . 44.23 -0.91 15.19
P2 POP M . 43.61 -2.37 15.47
O4 POP M . 44.11 -2.82 16.83
O5 POP M . 42.08 -2.32 15.52
O6 POP M . 44.07 -3.34 14.41
S SO4 N . 10.15 -0.88 17.66
O1 SO4 N . 9.45 -2.05 18.20
O2 SO4 N . 9.72 0.30 18.42
O3 SO4 N . 11.59 -1.08 17.79
O4 SO4 N . 9.81 -0.74 16.26
C1 EDO O . -29.40 12.98 1.57
O1 EDO O . -28.03 12.92 1.15
C2 EDO O . -30.09 11.68 1.15
O2 EDO O . -30.05 10.71 2.21
MG MG P . 45.30 1.77 17.67
P1 POP Q . -43.10 -5.86 -12.30
O1 POP Q . -42.46 -6.48 -11.09
O2 POP Q . -43.82 -4.59 -11.91
O3 POP Q . -42.04 -5.54 -13.33
O POP Q . -44.18 -6.91 -12.88
P2 POP Q . -43.77 -8.39 -13.38
O4 POP Q . -44.50 -8.64 -14.67
O5 POP Q . -42.27 -8.47 -13.61
O6 POP Q . -44.16 -9.44 -12.37
PG ATP R . 9.67 -13.48 -3.12
O1G ATP R . 9.36 -12.40 -2.12
O2G ATP R . 9.91 -14.83 -2.50
O3G ATP R . 10.71 -13.08 -4.15
PB ATP R . 8.19 -14.41 -5.43
O1B ATP R . 7.98 -13.31 -6.45
O2B ATP R . 9.35 -15.36 -5.60
O3B ATP R . 8.30 -13.70 -3.97
PA ATP R . 6.17 -15.90 -6.75
O1A ATP R . 7.25 -15.83 -7.81
O2A ATP R . 5.55 -17.24 -6.41
O3A ATP R . 6.81 -15.26 -5.42
O5' ATP R . 4.95 -14.92 -7.14
C5' ATP R . 5.07 -13.98 -8.21
C4' ATP R . 5.32 -12.54 -7.75
O4' ATP R . 6.72 -12.29 -7.65
C3' ATP R . 4.74 -11.47 -8.66
O3' ATP R . 3.53 -10.94 -8.12
C2' ATP R . 5.81 -10.41 -8.72
O2' ATP R . 5.56 -9.37 -7.78
C1' ATP R . 7.10 -11.12 -8.37
N9 ATP R . 7.89 -11.43 -9.41
C8 ATP R . 8.23 -12.68 -9.76
N7 ATP R . 8.86 -12.69 -10.97
C5 ATP R . 8.93 -11.42 -11.40
C6 ATP R . 9.47 -10.72 -12.60
N6 ATP R . 10.07 -11.42 -13.60
N1 ATP R . 9.34 -9.37 -12.66
C2 ATP R . 8.74 -8.67 -11.67
N3 ATP R . 8.23 -9.24 -10.56
C4 ATP R . 8.30 -10.58 -10.36
#